data_7QR9
#
_entry.id   7QR9
#
_cell.length_a   49.438
_cell.length_b   85.240
_cell.length_c   89.678
_cell.angle_alpha   70.270
_cell.angle_beta   74.100
_cell.angle_gamma   86.860
#
_symmetry.space_group_name_H-M   'P 1'
#
loop_
_entity.id
_entity.type
_entity.pdbx_description
1 polymer 'Casein kinase I isoform delta'
2 non-polymer 'SULFATE ION'
3 non-polymer 1,2-ETHANEDIOL
4 non-polymer 4-[5-(4-fluorophenyl)-3-(pyridin-4-ylmethyl)imidazol-4-yl]-1~{H}-pyrrolo[2,3-b]pyridine
5 water water
#
_entity_poly.entity_id   1
_entity_poly.type   'polypeptide(L)'
_entity_poly.pdbx_seq_one_letter_code
;SMMELRVGNRYRLGRKIGSGSFGDIYLGTDIAAGEEVAIKLECVKTKHPQLHIESKIYKMMQGGVGIPTIRWCGAEGDYN
VMVMELLGPSLEDLFNFCSRKFSLKTVLLLADQMISRIEYIHSKNFIHRDVKPDNFLMGLGKKGNLVYIIDFGLAKKYRD
ARTHQHIPYRENKNLTGTARYASINTHLGIEQSRRDDLESLGYVLMYFNLGSLPWQGLKAATKRQKYERISEKKMSTPIE
VLCKGYPSEFATYLNFCRSLRFDDKPDYSYLRQLFRNLFHRQGFSYDYVFDWNMLK
;
_entity_poly.pdbx_strand_id   A,B,C,D
#
# COMPACT_ATOMS: atom_id res chain seq x y z
N LEU A 5 -3.30 -21.01 38.87
CA LEU A 5 -2.92 -22.01 37.83
C LEU A 5 -1.39 -22.17 37.77
N ARG A 6 -0.94 -23.39 37.50
CA ARG A 6 0.43 -23.87 37.73
C ARG A 6 1.17 -23.98 36.39
N VAL A 7 2.17 -23.12 36.17
CA VAL A 7 2.85 -23.05 34.86
C VAL A 7 4.30 -23.48 35.05
N GLY A 8 4.81 -24.28 34.11
CA GLY A 8 6.04 -24.99 34.31
C GLY A 8 5.90 -25.84 35.56
N ASN A 9 6.90 -25.72 36.42
CA ASN A 9 6.87 -26.42 37.69
C ASN A 9 6.71 -25.41 38.83
N ARG A 10 7.34 -24.24 38.66
CA ARG A 10 7.67 -23.31 39.73
C ARG A 10 6.97 -21.95 39.54
N TYR A 11 6.17 -21.78 38.47
CA TYR A 11 5.55 -20.47 38.19
C TYR A 11 4.05 -20.54 38.46
N ARG A 12 3.56 -19.57 39.22
CA ARG A 12 2.13 -19.41 39.49
C ARG A 12 1.61 -18.25 38.63
N LEU A 13 0.54 -18.53 37.88
CA LEU A 13 -0.07 -17.59 36.99
C LEU A 13 -1.10 -16.75 37.74
N GLY A 14 -0.90 -15.43 37.74
CA GLY A 14 -1.88 -14.41 38.28
C GLY A 14 -2.81 -13.86 37.22
N ARG A 15 -3.50 -12.75 37.53
CA ARG A 15 -4.39 -12.04 36.60
C ARG A 15 -3.57 -11.38 35.47
N LYS A 16 -4.28 -10.80 34.51
CA LYS A 16 -3.68 -10.12 33.37
C LYS A 16 -2.99 -8.82 33.82
N ILE A 17 -1.83 -8.53 33.21
CA ILE A 17 -1.17 -7.21 33.27
C ILE A 17 -1.87 -6.27 32.28
N GLY A 18 -1.99 -6.73 31.02
CA GLY A 18 -2.49 -5.93 29.89
C GLY A 18 -2.24 -6.60 28.54
N SER A 19 -1.67 -5.83 27.58
CA SER A 19 -1.60 -6.12 26.12
C SER A 19 -2.86 -6.86 25.64
N GLY A 23 -0.19 -13.28 22.58
CA GLY A 23 -1.47 -13.15 23.30
C GLY A 23 -1.38 -12.10 24.41
N ASP A 24 -2.10 -12.36 25.52
CA ASP A 24 -2.12 -11.46 26.65
C ASP A 24 -0.90 -11.71 27.56
N ILE A 25 -0.64 -10.69 28.37
CA ILE A 25 0.42 -10.63 29.33
C ILE A 25 -0.20 -10.73 30.72
N TYR A 26 0.41 -11.58 31.57
CA TYR A 26 -0.08 -11.89 32.93
C TYR A 26 1.02 -11.65 33.97
N LEU A 27 0.61 -11.19 35.17
CA LEU A 27 1.44 -11.21 36.36
C LEU A 27 1.59 -12.65 36.79
N GLY A 28 2.79 -13.00 37.25
CA GLY A 28 3.03 -14.31 37.81
C GLY A 28 4.07 -14.27 38.92
N THR A 29 4.25 -15.41 39.59
CA THR A 29 5.22 -15.52 40.62
C THR A 29 6.09 -16.73 40.35
N ASP A 30 7.41 -16.53 40.41
CA ASP A 30 8.31 -17.61 40.58
C ASP A 30 8.27 -18.03 42.06
N ILE A 31 7.38 -18.98 42.36
CA ILE A 31 7.14 -19.48 43.71
C ILE A 31 8.47 -19.92 44.36
N ALA A 32 9.36 -20.51 43.56
CA ALA A 32 10.61 -21.08 44.05
C ALA A 32 11.56 -19.99 44.57
N ALA A 33 11.68 -18.89 43.82
CA ALA A 33 12.73 -17.85 44.04
C ALA A 33 12.16 -16.62 44.76
N GLY A 34 10.84 -16.56 44.92
CA GLY A 34 10.14 -15.40 45.51
C GLY A 34 10.30 -14.11 44.70
N GLU A 35 10.04 -14.17 43.39
CA GLU A 35 10.18 -13.03 42.48
C GLU A 35 8.98 -12.99 41.54
N GLU A 36 8.50 -11.79 41.25
CA GLU A 36 7.42 -11.62 40.28
C GLU A 36 8.02 -11.82 38.89
N VAL A 37 7.18 -12.27 37.96
CA VAL A 37 7.51 -12.49 36.58
C VAL A 37 6.35 -12.00 35.70
N ALA A 38 6.61 -11.93 34.39
CA ALA A 38 5.57 -11.67 33.39
C ALA A 38 5.44 -12.91 32.50
N ILE A 39 4.20 -13.28 32.16
CA ILE A 39 3.96 -14.46 31.35
C ILE A 39 3.14 -14.09 30.12
N LYS A 40 3.57 -14.57 28.96
CA LYS A 40 2.80 -14.47 27.71
C LYS A 40 2.30 -15.87 27.34
N LEU A 41 0.98 -16.00 27.24
CA LEU A 41 0.34 -17.20 26.75
C LEU A 41 -0.04 -17.00 25.27
N GLU A 42 0.17 -18.05 24.48
CA GLU A 42 -0.35 -18.20 23.12
C GLU A 42 -1.00 -19.58 22.98
N CYS A 43 -2.30 -19.59 22.60
CA CYS A 43 -3.04 -20.80 22.29
C CYS A 43 -2.26 -21.62 21.27
N VAL A 44 -2.35 -22.96 21.34
CA VAL A 44 -1.73 -23.78 20.27
C VAL A 44 -2.49 -23.59 18.94
N LYS A 45 -3.73 -23.07 18.95
CA LYS A 45 -4.43 -22.58 17.75
C LYS A 45 -4.32 -21.04 17.60
N THR A 46 -3.80 -20.62 16.44
CA THR A 46 -3.65 -19.23 16.01
C THR A 46 -3.43 -19.26 14.48
N LYS A 47 -4.02 -18.31 13.74
CA LYS A 47 -3.75 -18.15 12.28
C LYS A 47 -2.50 -17.28 12.08
N HIS A 48 -1.77 -17.02 13.17
CA HIS A 48 -0.45 -16.39 13.16
C HIS A 48 0.30 -16.85 14.41
N PRO A 49 0.76 -18.12 14.47
CA PRO A 49 1.70 -18.57 15.52
C PRO A 49 3.00 -17.76 15.55
N GLN A 50 3.32 -17.17 16.72
CA GLN A 50 4.30 -16.07 16.87
C GLN A 50 5.28 -16.36 18.01
N LEU A 51 4.76 -16.72 19.18
CA LEU A 51 5.50 -16.69 20.45
C LEU A 51 6.83 -17.45 20.29
N HIS A 52 6.77 -18.68 19.76
CA HIS A 52 7.92 -19.58 19.68
C HIS A 52 9.00 -18.99 18.79
N ILE A 53 8.60 -18.31 17.71
CA ILE A 53 9.53 -17.61 16.84
C ILE A 53 10.10 -16.40 17.58
N GLU A 54 9.22 -15.60 18.19
CA GLU A 54 9.64 -14.46 19.00
C GLU A 54 10.59 -14.91 20.14
N SER A 55 10.26 -16.06 20.77
CA SER A 55 11.06 -16.55 21.87
C SER A 55 12.47 -16.92 21.41
N LYS A 56 12.59 -17.45 20.18
CA LYS A 56 13.91 -17.74 19.59
C LYS A 56 14.78 -16.49 19.58
N ILE A 57 14.19 -15.34 19.22
CA ILE A 57 14.95 -14.12 19.03
C ILE A 57 15.37 -13.59 20.41
N TYR A 58 14.44 -13.58 21.37
CA TYR A 58 14.74 -13.16 22.75
C TYR A 58 15.91 -13.96 23.33
N LYS A 59 15.96 -15.27 22.99
CA LYS A 59 17.03 -16.17 23.45
C LYS A 59 18.39 -15.76 22.85
N MET A 60 18.38 -15.33 21.57
CA MET A 60 19.60 -14.89 20.87
C MET A 60 20.07 -13.51 21.38
N MET A 61 19.17 -12.73 22.01
CA MET A 61 19.52 -11.40 22.58
C MET A 61 20.02 -11.51 24.01
N GLN A 62 19.73 -12.63 24.69
CA GLN A 62 20.03 -12.81 26.13
C GLN A 62 21.48 -12.38 26.42
N GLY A 63 21.70 -11.72 27.55
CA GLY A 63 23.03 -11.29 27.99
C GLY A 63 23.29 -9.81 27.70
N GLY A 64 22.61 -9.27 26.70
CA GLY A 64 22.72 -7.87 26.39
C GLY A 64 22.18 -6.98 27.50
N VAL A 65 22.82 -5.83 27.69
CA VAL A 65 22.29 -4.80 28.54
C VAL A 65 20.86 -4.45 28.08
N GLY A 66 19.89 -4.52 28.99
CA GLY A 66 18.55 -3.98 28.72
C GLY A 66 17.73 -4.90 27.83
N ILE A 67 18.09 -6.18 27.82
CA ILE A 67 17.32 -7.25 27.24
C ILE A 67 16.64 -7.97 28.38
N PRO A 68 15.30 -8.14 28.37
CA PRO A 68 14.63 -8.93 29.41
C PRO A 68 15.21 -10.35 29.45
N THR A 69 15.41 -10.89 30.64
CA THR A 69 15.86 -12.28 30.86
C THR A 69 14.66 -13.24 30.73
N ILE A 70 14.79 -14.24 29.85
CA ILE A 70 13.84 -15.39 29.78
C ILE A 70 14.03 -16.25 31.02
N ARG A 71 12.97 -16.51 31.77
CA ARG A 71 13.02 -17.44 32.92
C ARG A 71 12.76 -18.87 32.45
N TRP A 72 11.77 -19.02 31.56
CA TRP A 72 11.28 -20.32 31.13
C TRP A 72 10.48 -20.19 29.83
N CYS A 73 10.68 -21.14 28.91
CA CYS A 73 9.82 -21.36 27.74
C CYS A 73 9.37 -22.82 27.68
N GLY A 74 8.11 -23.03 27.29
CA GLY A 74 7.49 -24.35 27.25
C GLY A 74 6.00 -24.25 26.95
N ALA A 75 5.32 -25.40 26.97
CA ALA A 75 3.90 -25.48 26.71
C ALA A 75 3.21 -26.09 27.93
N GLU A 76 2.06 -25.52 28.30
CA GLU A 76 1.20 -26.06 29.37
C GLU A 76 -0.26 -25.99 28.93
N GLY A 77 -0.92 -27.15 28.84
CA GLY A 77 -2.33 -27.22 28.53
C GLY A 77 -2.58 -26.72 27.12
N ASP A 78 -3.45 -25.71 27.00
CA ASP A 78 -3.87 -25.20 25.70
C ASP A 78 -2.82 -24.25 25.10
N TYR A 79 -1.77 -23.93 25.87
CA TYR A 79 -0.98 -22.71 25.64
C TYR A 79 0.50 -23.03 25.42
N ASN A 80 1.10 -22.27 24.52
CA ASN A 80 2.53 -22.02 24.51
C ASN A 80 2.81 -20.84 25.46
N VAL A 81 3.95 -20.89 26.17
CA VAL A 81 4.20 -20.03 27.34
C VAL A 81 5.62 -19.49 27.26
N MET A 82 5.76 -18.18 27.55
CA MET A 82 7.05 -17.57 27.84
C MET A 82 6.95 -16.85 29.18
N VAL A 83 7.96 -17.02 30.04
CA VAL A 83 8.10 -16.33 31.32
C VAL A 83 9.38 -15.46 31.32
N MET A 84 9.23 -14.19 31.70
CA MET A 84 10.29 -13.18 31.74
C MET A 84 10.33 -12.55 33.15
N GLU A 85 11.53 -12.15 33.62
CA GLU A 85 11.64 -11.28 34.77
C GLU A 85 10.65 -10.13 34.59
N LEU A 86 10.06 -9.67 35.69
CA LEU A 86 9.12 -8.56 35.63
C LEU A 86 9.85 -7.25 35.32
N LEU A 87 9.22 -6.42 34.49
CA LEU A 87 9.74 -5.09 34.25
C LEU A 87 8.66 -4.08 34.61
N GLY A 88 9.08 -2.81 34.62
CA GLY A 88 8.27 -1.70 34.97
C GLY A 88 7.63 -1.02 33.76
N PRO A 89 7.05 0.18 33.93
CA PRO A 89 6.14 0.74 32.94
C PRO A 89 6.89 1.15 31.67
N SER A 90 6.17 1.24 30.56
CA SER A 90 6.71 1.61 29.29
C SER A 90 7.00 3.11 29.28
N LEU A 91 7.76 3.57 28.28
CA LEU A 91 7.99 4.99 28.07
C LEU A 91 6.66 5.65 27.70
N GLU A 92 5.77 4.96 26.96
CA GLU A 92 4.45 5.52 26.70
C GLU A 92 3.71 5.73 28.03
N ASP A 93 3.76 4.72 28.92
CA ASP A 93 3.02 4.77 30.17
C ASP A 93 3.63 5.90 31.04
N LEU A 94 4.97 5.99 31.08
CA LEU A 94 5.60 7.04 31.88
C LEU A 94 5.31 8.43 31.29
N PHE A 95 5.38 8.53 29.95
CA PHE A 95 5.05 9.83 29.23
C PHE A 95 3.61 10.30 29.57
N ASN A 96 2.65 9.39 29.52
CA ASN A 96 1.24 9.68 29.86
C ASN A 96 1.15 10.08 31.34
N PHE A 97 1.83 9.33 32.20
CA PHE A 97 1.83 9.60 33.62
C PHE A 97 2.44 10.99 33.90
N CYS A 98 3.32 11.48 33.03
CA CYS A 98 4.00 12.79 33.19
C CYS A 98 3.29 13.90 32.41
N SER A 99 2.03 13.66 32.00
CA SER A 99 1.22 14.67 31.26
C SER A 99 1.80 14.95 29.86
N ARG A 100 2.55 13.98 29.30
CA ARG A 100 3.03 14.01 27.94
C ARG A 100 4.01 15.20 27.77
N LYS A 101 4.80 15.42 28.82
CA LYS A 101 5.85 16.42 28.87
C LYS A 101 7.09 15.81 29.55
N PHE A 102 8.17 15.63 28.76
CA PHE A 102 9.50 15.24 29.27
C PHE A 102 10.47 16.42 29.12
N SER A 103 11.32 16.63 30.14
CA SER A 103 12.38 17.63 30.14
C SER A 103 13.48 17.23 29.14
N LEU A 104 14.32 18.18 28.77
CA LEU A 104 15.35 17.87 27.77
C LEU A 104 16.28 16.79 28.34
N LYS A 105 16.61 16.95 29.65
CA LYS A 105 17.52 16.05 30.34
C LYS A 105 17.01 14.61 30.24
N THR A 106 15.73 14.41 30.54
CA THR A 106 15.14 13.09 30.44
C THR A 106 15.25 12.56 29.00
N VAL A 107 14.86 13.36 28.01
CA VAL A 107 14.93 12.90 26.62
C VAL A 107 16.37 12.50 26.30
N LEU A 108 17.36 13.27 26.77
CA LEU A 108 18.76 12.99 26.40
C LEU A 108 19.26 11.73 27.14
N LEU A 109 18.78 11.51 28.39
CA LEU A 109 19.13 10.30 29.18
C LEU A 109 18.59 9.06 28.48
N LEU A 110 17.35 9.15 28.00
CA LEU A 110 16.68 8.08 27.25
C LEU A 110 17.40 7.82 25.91
N ALA A 111 17.64 8.89 25.15
CA ALA A 111 18.24 8.81 23.85
C ALA A 111 19.53 7.98 23.91
N ASP A 112 20.38 8.25 24.92
CA ASP A 112 21.66 7.59 25.01
C ASP A 112 21.46 6.07 25.08
N GLN A 113 20.56 5.62 25.96
CA GLN A 113 20.36 4.23 26.19
C GLN A 113 19.68 3.59 24.95
N MET A 114 18.71 4.31 24.37
CA MET A 114 17.87 3.80 23.33
C MET A 114 18.69 3.52 22.05
N ILE A 115 19.66 4.41 21.76
CA ILE A 115 20.56 4.20 20.67
C ILE A 115 21.31 2.89 20.91
N SER A 116 21.81 2.70 22.14
CA SER A 116 22.58 1.50 22.54
C SER A 116 21.76 0.19 22.44
N ARG A 117 20.45 0.24 22.70
CA ARG A 117 19.65 -0.98 22.61
C ARG A 117 19.51 -1.42 21.16
N ILE A 118 19.23 -0.45 20.29
CA ILE A 118 19.08 -0.65 18.89
C ILE A 118 20.40 -1.16 18.32
N GLU A 119 21.52 -0.57 18.75
CA GLU A 119 22.86 -0.97 18.28
C GLU A 119 23.11 -2.44 18.66
N TYR A 120 22.71 -2.82 19.87
CA TYR A 120 22.90 -4.19 20.30
C TYR A 120 22.10 -5.13 19.38
N ILE A 121 20.81 -4.81 19.15
CA ILE A 121 19.95 -5.68 18.35
C ILE A 121 20.63 -5.90 16.97
N HIS A 122 21.19 -4.82 16.40
CA HIS A 122 21.81 -4.87 15.06
C HIS A 122 23.08 -5.75 15.13
N SER A 123 23.78 -5.68 16.25
CA SER A 123 24.97 -6.53 16.49
C SER A 123 24.59 -8.01 16.44
N LYS A 124 23.30 -8.32 16.69
CA LYS A 124 22.84 -9.70 16.71
C LYS A 124 22.16 -10.08 15.38
N ASN A 125 22.32 -9.23 14.38
CA ASN A 125 21.97 -9.55 13.00
C ASN A 125 20.48 -9.29 12.77
N PHE A 126 19.84 -8.54 13.66
CA PHE A 126 18.44 -8.29 13.53
C PHE A 126 18.19 -6.77 13.41
N ILE A 127 17.04 -6.41 12.85
CA ILE A 127 16.44 -5.10 12.97
C ILE A 127 15.07 -5.28 13.59
N HIS A 128 14.65 -4.25 14.33
CA HIS A 128 13.51 -4.34 15.25
C HIS A 128 12.19 -4.09 14.50
N ARG A 129 12.12 -2.91 13.84
CA ARG A 129 11.05 -2.54 12.87
C ARG A 129 9.74 -2.17 13.60
N ASP A 130 9.82 -1.96 14.91
CA ASP A 130 8.64 -1.45 15.69
C ASP A 130 9.18 -0.60 16.85
N VAL A 131 10.08 0.34 16.49
CA VAL A 131 10.64 1.26 17.44
C VAL A 131 9.56 2.30 17.76
N LYS A 132 9.08 2.26 19.01
CA LYS A 132 8.09 3.17 19.49
C LYS A 132 8.10 3.17 21.02
N PRO A 133 7.55 4.22 21.67
CA PRO A 133 7.61 4.34 23.12
C PRO A 133 7.10 3.09 23.88
N ASP A 134 6.12 2.38 23.34
CA ASP A 134 5.52 1.18 24.05
C ASP A 134 6.53 0.04 24.21
N ASN A 135 7.56 0.04 23.36
CA ASN A 135 8.41 -1.13 23.20
C ASN A 135 9.75 -0.87 23.89
N PHE A 136 9.81 0.15 24.76
CA PHE A 136 10.87 0.35 25.74
C PHE A 136 10.26 0.37 27.14
N LEU A 137 10.83 -0.41 28.06
CA LEU A 137 10.33 -0.49 29.45
C LEU A 137 11.46 -0.12 30.42
N MET A 138 11.14 0.66 31.45
CA MET A 138 12.11 0.87 32.54
C MET A 138 12.12 -0.40 33.41
N GLY A 139 13.25 -0.66 34.05
CA GLY A 139 13.39 -1.72 35.02
C GLY A 139 12.72 -1.34 36.33
N LEU A 140 12.74 -2.28 37.28
CA LEU A 140 12.25 -2.08 38.67
C LEU A 140 13.44 -2.23 39.62
N GLY A 141 13.35 -1.60 40.80
CA GLY A 141 14.27 -1.86 41.92
C GLY A 141 15.67 -1.35 41.61
N LYS A 142 16.65 -2.25 41.66
CA LYS A 142 18.06 -1.90 41.37
C LYS A 142 18.24 -1.60 39.87
N LYS A 143 17.27 -1.98 39.02
CA LYS A 143 17.36 -1.84 37.57
C LYS A 143 16.50 -0.67 37.07
N GLY A 144 16.13 0.24 37.97
CA GLY A 144 15.15 1.31 37.68
C GLY A 144 15.71 2.47 36.85
N ASN A 145 17.04 2.52 36.68
CA ASN A 145 17.67 3.52 35.84
C ASN A 145 17.95 2.93 34.44
N LEU A 146 17.51 1.70 34.22
CA LEU A 146 17.82 0.96 32.99
C LEU A 146 16.59 0.93 32.05
N VAL A 147 16.82 1.37 30.81
CA VAL A 147 15.89 1.24 29.67
C VAL A 147 16.12 -0.13 29.04
N TYR A 148 15.04 -0.91 28.93
CA TYR A 148 15.01 -2.24 28.26
C TYR A 148 14.21 -2.12 26.96
N ILE A 149 14.43 -3.05 26.04
CA ILE A 149 13.65 -3.08 24.80
C ILE A 149 12.97 -4.45 24.70
N ILE A 150 11.73 -4.45 24.16
CA ILE A 150 10.86 -5.60 24.08
C ILE A 150 10.21 -5.67 22.70
N ASP A 151 9.44 -6.75 22.48
CA ASP A 151 8.60 -6.97 21.31
C ASP A 151 9.48 -7.20 20.09
N PHE A 152 9.67 -8.49 19.78
CA PHE A 152 10.41 -8.92 18.64
C PHE A 152 9.50 -9.60 17.64
N GLY A 153 8.21 -9.28 17.71
CA GLY A 153 7.21 -9.86 16.84
C GLY A 153 7.27 -9.39 15.39
N LEU A 154 7.93 -8.25 15.12
CA LEU A 154 8.08 -7.73 13.72
C LEU A 154 9.55 -7.77 13.28
N ALA A 155 10.42 -8.41 14.06
CA ALA A 155 11.86 -8.40 13.83
C ALA A 155 12.22 -9.38 12.71
N LYS A 156 13.34 -9.11 12.05
CA LYS A 156 13.77 -9.83 10.89
C LYS A 156 15.30 -9.76 10.80
N LYS A 157 15.93 -10.89 10.40
CA LYS A 157 17.38 -10.86 10.11
C LYS A 157 17.66 -9.95 8.89
N TYR A 158 18.61 -9.01 9.06
CA TYR A 158 19.00 -8.08 7.95
C TYR A 158 20.35 -8.54 7.36
N ARG A 159 21.04 -9.46 8.04
CA ARG A 159 22.23 -10.05 7.44
C ARG A 159 22.36 -11.49 7.90
N ASP A 160 23.03 -12.28 7.05
CA ASP A 160 23.38 -13.66 7.31
C ASP A 160 24.27 -13.73 8.56
N ALA A 161 23.85 -14.55 9.51
CA ALA A 161 24.58 -14.70 10.76
C ALA A 161 26.07 -14.91 10.47
N ARG A 162 26.38 -15.80 9.52
CA ARG A 162 27.72 -16.27 9.28
C ARG A 162 28.47 -15.36 8.31
N THR A 163 27.87 -15.09 7.13
CA THR A 163 28.58 -14.43 6.01
C THR A 163 28.31 -12.91 5.97
N HIS A 164 27.63 -12.36 6.99
CA HIS A 164 27.38 -10.89 7.12
C HIS A 164 26.83 -10.34 5.80
N GLN A 165 26.18 -11.18 5.01
CA GLN A 165 25.58 -10.77 3.75
C GLN A 165 24.25 -10.08 4.04
N HIS A 166 24.21 -8.74 3.84
CA HIS A 166 23.00 -7.93 3.94
C HIS A 166 21.90 -8.57 3.08
N ILE A 167 20.63 -8.46 3.54
CA ILE A 167 19.45 -8.84 2.73
C ILE A 167 19.37 -7.95 1.48
N PRO A 168 18.70 -8.39 0.39
CA PRO A 168 18.57 -7.58 -0.81
C PRO A 168 17.65 -6.36 -0.65
N TYR A 169 17.99 -5.26 -1.35
CA TYR A 169 17.10 -4.12 -1.61
C TYR A 169 15.81 -4.60 -2.28
N ARG A 170 14.68 -4.49 -1.57
CA ARG A 170 13.36 -4.87 -2.07
C ARG A 170 12.43 -3.65 -1.98
N GLU A 171 11.38 -3.67 -2.82
CA GLU A 171 10.51 -2.52 -3.09
C GLU A 171 9.04 -2.97 -3.09
N ASN A 172 8.15 -1.97 -3.08
CA ASN A 172 6.71 -2.06 -3.34
C ASN A 172 5.95 -2.75 -2.18
N LYS A 173 6.48 -2.69 -0.95
CA LYS A 173 6.01 -3.51 0.20
C LYS A 173 4.85 -2.81 0.92
N ASN A 174 4.24 -3.54 1.86
CA ASN A 174 3.18 -3.08 2.78
C ASN A 174 3.85 -2.55 4.06
N LEU A 175 3.20 -1.61 4.73
CA LEU A 175 3.73 -1.03 5.96
C LEU A 175 3.32 -1.92 7.14
N THR A 176 4.28 -2.72 7.62
CA THR A 176 4.16 -3.55 8.82
C THR A 176 4.86 -2.86 10.00
N GLY A 177 4.08 -2.38 10.96
CA GLY A 177 4.60 -1.60 12.06
C GLY A 177 3.66 -0.47 12.39
N THR A 178 4.17 0.50 13.15
CA THR A 178 3.42 1.66 13.60
C THR A 178 3.72 2.86 12.68
N ALA A 179 2.69 3.34 11.97
CA ALA A 179 2.79 4.37 10.92
C ALA A 179 3.41 5.67 11.48
N ARG A 180 3.09 5.98 12.73
CA ARG A 180 3.45 7.22 13.35
C ARG A 180 5.00 7.37 13.36
N TYR A 181 5.73 6.27 13.59
CA TYR A 181 7.17 6.35 13.77
C TYR A 181 7.92 5.79 12.56
N ALA A 182 7.19 5.33 11.54
CA ALA A 182 7.81 4.69 10.35
C ALA A 182 8.72 5.69 9.60
N SER A 183 9.79 5.15 9.02
CA SER A 183 10.71 5.92 8.18
C SER A 183 10.04 6.31 6.85
N ILE A 184 10.59 7.35 6.23
CA ILE A 184 10.13 7.78 4.93
C ILE A 184 10.28 6.65 3.93
N ASN A 185 11.41 5.95 4.00
CA ASN A 185 11.69 4.86 3.08
C ASN A 185 10.67 3.72 3.31
N THR A 186 10.25 3.51 4.57
CA THR A 186 9.20 2.54 4.86
C THR A 186 7.92 2.97 4.15
N HIS A 187 7.58 4.26 4.21
CA HIS A 187 6.39 4.76 3.54
C HIS A 187 6.48 4.56 2.03
N LEU A 188 7.70 4.57 1.49
CA LEU A 188 7.89 4.38 0.03
C LEU A 188 7.80 2.91 -0.36
N GLY A 189 7.73 2.02 0.64
CA GLY A 189 7.57 0.58 0.42
C GLY A 189 8.89 -0.16 0.19
N ILE A 190 10.00 0.51 0.64
CA ILE A 190 11.38 -0.02 0.62
C ILE A 190 11.61 -0.91 1.86
N GLU A 191 12.45 -1.95 1.66
CA GLU A 191 12.89 -2.87 2.69
C GLU A 191 13.57 -2.09 3.81
N GLN A 192 13.17 -2.42 5.06
CA GLN A 192 13.70 -1.78 6.27
C GLN A 192 15.11 -2.33 6.54
N SER A 193 16.00 -1.44 6.96
CA SER A 193 17.35 -1.86 7.39
C SER A 193 17.73 -1.09 8.67
N ARG A 194 19.01 -1.09 9.01
CA ARG A 194 19.45 -0.57 10.29
C ARG A 194 19.12 0.91 10.36
N ARG A 195 19.23 1.62 9.24
CA ARG A 195 18.99 3.09 9.20
C ARG A 195 17.56 3.40 9.67
N ASP A 196 16.61 2.53 9.33
CA ASP A 196 15.21 2.76 9.57
C ASP A 196 14.90 2.70 11.08
N ASP A 197 15.47 1.76 11.81
CA ASP A 197 15.27 1.68 13.25
C ASP A 197 15.71 3.00 13.91
N LEU A 198 16.82 3.57 13.44
CA LEU A 198 17.38 4.78 14.02
C LEU A 198 16.52 6.02 13.68
N GLU A 199 15.99 6.10 12.45
CA GLU A 199 15.15 7.23 12.05
C GLU A 199 13.88 7.23 12.91
N SER A 200 13.28 6.06 13.07
CA SER A 200 12.10 5.89 13.94
C SER A 200 12.41 6.36 15.37
N LEU A 201 13.61 6.07 15.87
CA LEU A 201 13.98 6.59 17.18
C LEU A 201 14.00 8.11 17.16
N GLY A 202 14.52 8.68 16.06
CA GLY A 202 14.55 10.12 15.87
C GLY A 202 13.18 10.77 16.01
N TYR A 203 12.18 10.16 15.38
CA TYR A 203 10.79 10.63 15.51
C TYR A 203 10.31 10.41 16.95
N VAL A 204 10.71 9.30 17.59
CA VAL A 204 10.22 9.05 18.98
C VAL A 204 10.76 10.17 19.91
N LEU A 205 12.00 10.60 19.67
CA LEU A 205 12.62 11.61 20.51
C LEU A 205 11.95 12.97 20.32
N MET A 206 11.57 13.29 19.09
CA MET A 206 10.88 14.55 18.84
C MET A 206 9.45 14.48 19.39
N TYR A 207 8.87 13.29 19.38
CA TYR A 207 7.58 13.03 20.02
C TYR A 207 7.67 13.42 21.51
N PHE A 208 8.72 12.98 22.21
CA PHE A 208 8.87 13.28 23.63
C PHE A 208 9.09 14.78 23.84
N ASN A 209 9.77 15.43 22.91
CA ASN A 209 10.02 16.88 23.00
C ASN A 209 8.69 17.65 22.83
N LEU A 210 7.86 17.23 21.86
CA LEU A 210 6.70 18.05 21.37
C LEU A 210 5.40 17.69 22.12
N GLY A 211 5.24 16.43 22.57
CA GLY A 211 3.96 15.94 23.15
C GLY A 211 3.11 15.22 22.10
N SER A 212 3.38 15.48 20.82
CA SER A 212 2.81 14.77 19.69
C SER A 212 3.69 15.01 18.45
N LEU A 213 3.35 14.39 17.32
CA LEU A 213 4.01 14.66 16.04
C LEU A 213 3.00 15.28 15.06
N PRO A 214 3.46 16.10 14.08
CA PRO A 214 2.54 16.87 13.23
C PRO A 214 1.68 15.99 12.31
N TRP A 215 2.10 14.74 12.08
CA TRP A 215 1.37 13.82 11.21
C TRP A 215 0.47 12.92 12.05
N GLN A 216 0.35 13.26 13.33
CA GLN A 216 -0.43 12.50 14.29
C GLN A 216 -1.86 13.03 14.26
N GLY A 217 -2.84 12.12 14.30
CA GLY A 217 -4.27 12.46 14.36
C GLY A 217 -4.78 13.14 13.09
N LEU A 218 -4.34 12.64 11.92
CA LEU A 218 -4.91 13.02 10.62
C LEU A 218 -6.15 12.16 10.35
N LYS A 219 -7.26 12.83 10.05
CA LYS A 219 -8.50 12.18 9.73
C LYS A 219 -8.41 11.59 8.32
N ALA A 220 -9.06 10.42 8.15
CA ALA A 220 -9.21 9.76 6.87
C ALA A 220 -10.37 8.77 6.95
N ALA A 221 -11.04 8.58 5.81
CA ALA A 221 -12.21 7.73 5.69
C ALA A 221 -11.83 6.24 5.87
N THR A 222 -10.58 5.86 5.57
CA THR A 222 -10.14 4.45 5.61
C THR A 222 -8.73 4.37 6.17
N LYS A 223 -8.19 3.14 6.23
CA LYS A 223 -6.87 2.89 6.77
C LYS A 223 -5.79 3.26 5.73
N ARG A 224 -5.85 2.62 4.56
CA ARG A 224 -4.85 2.84 3.50
C ARG A 224 -4.76 4.35 3.17
N GLN A 225 -5.87 5.07 3.31
CA GLN A 225 -5.97 6.53 3.09
C GLN A 225 -5.23 7.29 4.21
N LYS A 226 -5.32 6.80 5.44
CA LYS A 226 -4.67 7.42 6.60
C LYS A 226 -3.13 7.31 6.43
N TYR A 227 -2.66 6.13 6.02
CA TYR A 227 -1.25 5.88 5.80
C TYR A 227 -0.71 6.78 4.66
N GLU A 228 -1.52 6.95 3.60
CA GLU A 228 -1.23 7.89 2.51
C GLU A 228 -0.99 9.28 3.09
N ARG A 229 -1.90 9.73 3.96
CA ARG A 229 -1.86 11.08 4.48
C ARG A 229 -0.64 11.23 5.40
N ILE A 230 -0.30 10.18 6.15
CA ILE A 230 0.82 10.26 7.11
C ILE A 230 2.14 10.38 6.33
N SER A 231 2.31 9.49 5.36
CA SER A 231 3.43 9.51 4.42
C SER A 231 3.64 10.91 3.81
N GLU A 232 2.56 11.49 3.28
CA GLU A 232 2.65 12.74 2.55
C GLU A 232 2.97 13.89 3.51
N LYS A 233 2.40 13.85 4.72
CA LYS A 233 2.66 14.84 5.74
C LYS A 233 4.14 14.77 6.17
N LYS A 234 4.65 13.55 6.36
CA LYS A 234 6.05 13.38 6.77
C LYS A 234 6.98 13.92 5.67
N MET A 235 6.67 13.55 4.43
CA MET A 235 7.52 13.87 3.31
C MET A 235 7.42 15.38 2.97
N SER A 236 6.39 16.08 3.48
CA SER A 236 6.24 17.51 3.24
C SER A 236 6.63 18.33 4.48
N THR A 237 7.06 17.69 5.57
CA THR A 237 7.51 18.42 6.78
C THR A 237 9.04 18.37 6.86
N PRO A 238 9.76 19.46 6.46
CA PRO A 238 11.21 19.47 6.57
C PRO A 238 11.68 19.24 8.02
N ILE A 239 12.87 18.68 8.14
CA ILE A 239 13.45 18.30 9.40
C ILE A 239 13.65 19.55 10.27
N GLU A 240 14.04 20.67 9.65
CA GLU A 240 14.25 21.91 10.42
C GLU A 240 12.91 22.43 10.97
N VAL A 241 11.80 22.12 10.29
CA VAL A 241 10.48 22.58 10.73
C VAL A 241 10.00 21.66 11.89
N LEU A 242 10.14 20.35 11.70
CA LEU A 242 9.80 19.36 12.74
C LEU A 242 10.49 19.75 14.05
N CYS A 243 11.75 20.20 13.96
CA CYS A 243 12.63 20.32 15.13
C CYS A 243 12.79 21.77 15.61
N LYS A 244 12.09 22.74 15.00
CA LYS A 244 12.16 24.14 15.41
C LYS A 244 11.90 24.31 16.90
N GLY A 245 12.77 25.08 17.56
CA GLY A 245 12.61 25.40 18.97
C GLY A 245 13.23 24.35 19.89
N TYR A 246 13.91 23.35 19.32
CA TYR A 246 14.62 22.31 20.09
C TYR A 246 16.08 22.32 19.67
N PRO A 247 17.01 21.84 20.51
CA PRO A 247 18.43 21.86 20.11
C PRO A 247 18.64 21.23 18.72
N SER A 248 19.54 21.81 17.93
CA SER A 248 19.77 21.41 16.59
C SER A 248 20.15 19.91 16.52
N GLU A 249 20.64 19.35 17.62
CA GLU A 249 21.13 17.97 17.60
C GLU A 249 20.03 17.02 17.09
N PHE A 250 18.78 17.29 17.47
CA PHE A 250 17.68 16.42 17.06
C PHE A 250 17.53 16.39 15.52
N ALA A 251 17.88 17.50 14.85
CA ALA A 251 17.80 17.67 13.39
C ALA A 251 19.03 17.02 12.74
N THR A 252 20.19 17.19 13.37
CA THR A 252 21.43 16.65 12.89
C THR A 252 21.29 15.12 12.88
N TYR A 253 20.70 14.57 13.97
CA TYR A 253 20.43 13.11 14.15
C TYR A 253 19.54 12.57 13.02
N LEU A 254 18.39 13.21 12.78
CA LEU A 254 17.46 12.72 11.73
C LEU A 254 18.06 12.86 10.33
N ASN A 255 18.76 13.97 10.07
CA ASN A 255 19.37 14.24 8.74
C ASN A 255 20.40 13.15 8.43
N PHE A 256 21.21 12.80 9.45
CA PHE A 256 22.22 11.75 9.32
C PHE A 256 21.53 10.41 9.05
N CYS A 257 20.44 10.11 9.78
CA CYS A 257 19.70 8.87 9.52
C CYS A 257 19.15 8.84 8.09
N ARG A 258 18.58 9.96 7.63
CA ARG A 258 17.98 10.00 6.29
C ARG A 258 19.10 9.95 5.22
N SER A 259 20.34 10.27 5.59
CA SER A 259 21.49 10.25 4.64
C SER A 259 22.09 8.83 4.45
N LEU A 260 21.76 7.92 5.39
CA LEU A 260 22.35 6.61 5.42
C LEU A 260 21.89 5.83 4.19
N ARG A 261 22.79 5.02 3.63
CA ARG A 261 22.47 4.09 2.54
C ARG A 261 21.86 2.80 3.10
N PHE A 262 21.18 2.07 2.23
CA PHE A 262 20.46 0.86 2.60
C PHE A 262 21.29 -0.04 3.51
N ASP A 263 22.53 -0.34 3.11
CA ASP A 263 23.33 -1.36 3.78
C ASP A 263 24.47 -0.73 4.58
N ASP A 264 24.39 0.56 4.87
CA ASP A 264 25.38 1.22 5.69
C ASP A 264 25.22 0.76 7.14
N LYS A 265 26.38 0.54 7.77
CA LYS A 265 26.51 0.44 9.20
C LYS A 265 26.44 1.84 9.80
N PRO A 266 25.40 2.17 10.57
CA PRO A 266 25.32 3.47 11.23
C PRO A 266 26.49 3.69 12.20
N ASP A 267 26.96 4.94 12.27
CA ASP A 267 27.93 5.34 13.27
C ASP A 267 27.19 5.66 14.58
N TYR A 268 26.80 4.60 15.31
CA TYR A 268 26.06 4.70 16.61
C TYR A 268 26.80 5.68 17.52
N SER A 269 28.12 5.50 17.56
CA SER A 269 28.97 6.24 18.43
C SER A 269 28.84 7.73 18.16
N TYR A 270 28.87 8.08 16.88
CA TYR A 270 28.71 9.48 16.48
C TYR A 270 27.38 10.01 17.03
N LEU A 271 26.31 9.20 16.97
CA LEU A 271 24.97 9.70 17.30
C LEU A 271 24.86 9.91 18.82
N ARG A 272 25.42 9.00 19.62
CA ARG A 272 25.45 9.15 21.11
C ARG A 272 26.28 10.38 21.49
N GLN A 273 27.44 10.56 20.82
CA GLN A 273 28.36 11.67 21.13
C GLN A 273 27.63 13.00 20.87
N LEU A 274 26.82 13.03 19.81
CA LEU A 274 26.07 14.20 19.46
C LEU A 274 25.23 14.63 20.69
N PHE A 275 24.44 13.70 21.24
CA PHE A 275 23.52 14.00 22.34
C PHE A 275 24.31 14.25 23.63
N ARG A 276 25.47 13.60 23.76
CA ARG A 276 26.36 13.73 24.92
C ARG A 276 26.98 15.14 24.97
N ASN A 277 27.42 15.67 23.84
CA ASN A 277 28.00 16.98 23.82
C ASN A 277 26.97 18.01 24.28
N LEU A 278 25.75 17.90 23.72
CA LEU A 278 24.63 18.78 24.09
C LEU A 278 24.31 18.65 25.60
N PHE A 279 24.28 17.40 26.07
CA PHE A 279 24.09 17.07 27.46
C PHE A 279 25.04 17.90 28.35
N HIS A 280 26.33 17.91 28.00
CA HIS A 280 27.39 18.56 28.78
C HIS A 280 27.28 20.08 28.71
N ARG A 281 26.93 20.61 27.51
CA ARG A 281 26.74 22.06 27.25
C ARG A 281 25.59 22.61 28.12
N GLN A 282 24.61 21.75 28.43
CA GLN A 282 23.46 22.12 29.26
C GLN A 282 23.83 21.95 30.75
N GLY A 283 25.01 21.42 31.03
CA GLY A 283 25.47 21.22 32.40
C GLY A 283 24.73 20.11 33.15
N PHE A 284 24.14 19.15 32.42
CA PHE A 284 23.45 18.00 33.01
C PHE A 284 24.46 16.95 33.49
N SER A 285 24.06 16.11 34.45
CA SER A 285 24.89 15.00 34.97
C SER A 285 24.19 13.65 34.69
N TYR A 286 24.95 12.64 34.27
CA TYR A 286 24.41 11.30 34.04
C TYR A 286 24.20 10.61 35.40
N ASP A 287 23.32 11.22 36.22
CA ASP A 287 22.74 10.62 37.40
C ASP A 287 21.30 10.29 37.01
N TYR A 288 20.95 9.01 37.02
CA TYR A 288 19.80 8.58 36.25
C TYR A 288 18.51 9.04 36.92
N VAL A 289 18.41 10.35 37.16
CA VAL A 289 17.27 10.94 37.77
C VAL A 289 16.39 11.49 36.64
N PHE A 290 15.40 10.68 36.26
CA PHE A 290 14.43 11.02 35.23
C PHE A 290 13.30 11.84 35.88
N ASP A 291 12.50 12.52 35.05
CA ASP A 291 11.42 13.38 35.51
C ASP A 291 10.52 12.65 36.50
N TRP A 292 10.30 11.36 36.26
CA TRP A 292 9.34 10.63 37.04
C TRP A 292 9.92 10.24 38.42
N ASN A 293 11.25 10.29 38.56
CA ASN A 293 11.94 9.99 39.82
C ASN A 293 11.78 11.15 40.81
N MET A 294 11.20 12.27 40.39
CA MET A 294 11.13 13.44 41.25
C MET A 294 9.70 13.68 41.77
N LEU A 295 8.77 12.79 41.40
CA LEU A 295 7.39 12.86 41.83
C LEU A 295 7.29 12.38 43.28
N LYS A 296 7.19 13.31 44.24
CA LYS A 296 7.26 12.98 45.69
C LYS A 296 5.90 12.48 46.20
N GLU B 4 23.35 -10.49 -39.39
CA GLU B 4 24.35 -11.57 -39.65
C GLU B 4 25.08 -11.88 -38.34
N LEU B 5 24.34 -12.43 -37.35
CA LEU B 5 24.98 -13.09 -36.16
C LEU B 5 24.45 -14.54 -36.05
N ARG B 6 25.35 -15.46 -35.69
CA ARG B 6 25.17 -16.92 -35.85
C ARG B 6 24.92 -17.56 -34.48
N VAL B 7 23.70 -18.06 -34.26
CA VAL B 7 23.30 -18.57 -32.95
C VAL B 7 23.05 -20.08 -33.07
N GLY B 8 23.49 -20.82 -32.07
CA GLY B 8 23.62 -22.25 -32.18
C GLY B 8 24.48 -22.57 -33.38
N ASN B 9 23.99 -23.46 -34.23
CA ASN B 9 24.68 -23.80 -35.45
C ASN B 9 23.88 -23.26 -36.65
N ARG B 10 22.55 -23.31 -36.52
CA ARG B 10 21.60 -23.28 -37.62
C ARG B 10 20.68 -22.05 -37.52
N TYR B 11 20.83 -21.20 -36.49
CA TYR B 11 19.92 -20.04 -36.32
C TYR B 11 20.67 -18.74 -36.65
N ARG B 12 20.05 -17.91 -37.49
CA ARG B 12 20.53 -16.59 -37.79
C ARG B 12 19.68 -15.58 -37.02
N LEU B 13 20.36 -14.68 -36.31
CA LEU B 13 19.76 -13.68 -35.49
C LEU B 13 19.48 -12.42 -36.33
N GLY B 14 18.20 -12.04 -36.43
CA GLY B 14 17.74 -10.80 -37.09
C GLY B 14 17.59 -9.63 -36.12
N ARG B 15 16.89 -8.58 -36.55
CA ARG B 15 16.61 -7.40 -35.70
C ARG B 15 15.59 -7.75 -34.63
N LYS B 16 15.31 -6.78 -33.75
CA LYS B 16 14.38 -6.95 -32.63
C LYS B 16 12.95 -7.08 -33.16
N ILE B 17 12.15 -7.93 -32.49
CA ILE B 17 10.69 -7.96 -32.60
C ILE B 17 10.10 -6.84 -31.74
N GLY B 18 10.52 -6.81 -30.46
CA GLY B 18 9.90 -5.95 -29.45
C GLY B 18 10.80 -5.69 -28.24
N SER B 19 10.58 -4.52 -27.64
CA SER B 19 11.43 -3.91 -26.61
C SER B 19 10.99 -4.35 -25.21
N GLY B 20 10.50 -5.61 -25.07
CA GLY B 20 9.86 -6.12 -23.84
C GLY B 20 10.17 -5.27 -22.62
N GLY B 23 14.27 -10.12 -20.99
CA GLY B 23 15.14 -10.03 -22.18
C GLY B 23 14.40 -9.47 -23.38
N ASP B 24 15.14 -8.93 -24.36
CA ASP B 24 14.52 -8.50 -25.62
C ASP B 24 14.37 -9.71 -26.55
N ILE B 25 13.39 -9.55 -27.45
CA ILE B 25 12.91 -10.54 -28.34
C ILE B 25 13.34 -10.13 -29.75
N TYR B 26 13.87 -11.11 -30.51
CA TYR B 26 14.42 -10.90 -31.85
C TYR B 26 13.77 -11.86 -32.86
N LEU B 27 13.59 -11.39 -34.10
CA LEU B 27 13.28 -12.24 -35.25
C LEU B 27 14.55 -13.01 -35.58
N GLY B 28 14.37 -14.28 -35.96
CA GLY B 28 15.47 -15.10 -36.42
C GLY B 28 15.03 -16.05 -37.50
N THR B 29 16.01 -16.75 -38.09
CA THR B 29 15.73 -17.75 -39.07
C THR B 29 16.46 -19.02 -38.68
N ASP B 30 15.71 -20.14 -38.68
CA ASP B 30 16.30 -21.43 -38.75
C ASP B 30 16.74 -21.67 -40.21
N ILE B 31 17.98 -21.28 -40.49
CA ILE B 31 18.60 -21.38 -41.81
C ILE B 31 18.46 -22.80 -42.37
N ALA B 32 18.56 -23.80 -41.49
CA ALA B 32 18.54 -25.22 -41.89
C ALA B 32 17.17 -25.64 -42.44
N ALA B 33 16.10 -25.21 -41.77
CA ALA B 33 14.70 -25.70 -42.01
C ALA B 33 13.89 -24.72 -42.85
N GLY B 34 14.41 -23.51 -43.05
CA GLY B 34 13.71 -22.40 -43.74
C GLY B 34 12.44 -21.98 -43.02
N GLU B 35 12.55 -21.70 -41.71
CA GLU B 35 11.42 -21.27 -40.88
C GLU B 35 11.87 -20.12 -40.00
N GLU B 36 10.99 -19.14 -39.80
CA GLU B 36 11.24 -18.05 -38.89
C GLU B 36 11.11 -18.59 -37.46
N VAL B 37 11.84 -17.95 -36.55
CA VAL B 37 11.86 -18.26 -35.13
C VAL B 37 11.88 -16.95 -34.34
N ALA B 38 11.66 -17.06 -33.03
CA ALA B 38 11.81 -15.95 -32.08
C ALA B 38 12.93 -16.29 -31.11
N ILE B 39 13.80 -15.31 -30.81
CA ILE B 39 14.95 -15.54 -29.96
C ILE B 39 14.92 -14.54 -28.80
N LYS B 40 15.12 -15.06 -27.58
CA LYS B 40 15.28 -14.24 -26.39
C LYS B 40 16.73 -14.36 -25.91
N LEU B 41 17.40 -13.22 -25.85
CA LEU B 41 18.76 -13.12 -25.33
C LEU B 41 18.69 -12.60 -23.90
N GLU B 42 19.58 -13.17 -23.07
CA GLU B 42 19.89 -12.68 -21.73
C GLU B 42 21.42 -12.68 -21.56
N CYS B 43 21.98 -11.50 -21.22
CA CYS B 43 23.41 -11.35 -20.90
C CYS B 43 23.81 -12.38 -19.83
N VAL B 44 25.03 -12.93 -19.96
CA VAL B 44 25.48 -14.03 -19.08
C VAL B 44 25.70 -13.47 -17.66
N LYS B 45 26.18 -12.23 -17.57
CA LYS B 45 26.41 -11.54 -16.29
C LYS B 45 25.33 -10.47 -16.09
N THR B 46 24.05 -10.88 -16.08
CA THR B 46 22.94 -10.12 -15.48
C THR B 46 22.85 -10.55 -14.00
N LYS B 47 22.57 -9.59 -13.10
CA LYS B 47 22.59 -9.80 -11.64
C LYS B 47 21.24 -10.37 -11.16
N HIS B 48 20.44 -10.86 -12.12
CA HIS B 48 19.19 -11.58 -11.89
C HIS B 48 18.95 -12.56 -13.04
N PRO B 49 19.73 -13.65 -13.13
CA PRO B 49 19.53 -14.69 -14.15
C PRO B 49 18.14 -15.34 -14.10
N GLN B 50 17.38 -15.30 -15.22
CA GLN B 50 15.96 -15.72 -15.29
C GLN B 50 15.68 -16.71 -16.45
N LEU B 51 16.25 -16.43 -17.62
CA LEU B 51 15.89 -17.16 -18.87
C LEU B 51 15.96 -18.68 -18.62
N HIS B 52 17.07 -19.13 -18.04
CA HIS B 52 17.37 -20.54 -17.88
C HIS B 52 16.34 -21.21 -16.96
N ILE B 53 15.87 -20.48 -15.94
CA ILE B 53 14.82 -20.95 -15.06
C ILE B 53 13.49 -21.00 -15.85
N GLU B 54 13.17 -19.90 -16.53
CA GLU B 54 11.99 -19.83 -17.40
C GLU B 54 12.03 -20.96 -18.46
N SER B 55 13.22 -21.20 -19.04
CA SER B 55 13.37 -22.20 -20.09
C SER B 55 13.07 -23.60 -19.53
N LYS B 56 13.45 -23.86 -18.28
CA LYS B 56 13.14 -25.14 -17.62
C LYS B 56 11.62 -25.39 -17.63
N ILE B 57 10.85 -24.34 -17.36
CA ILE B 57 9.40 -24.48 -17.22
C ILE B 57 8.79 -24.72 -18.60
N TYR B 58 9.22 -23.94 -19.59
CA TYR B 58 8.75 -24.11 -20.98
C TYR B 58 8.97 -25.55 -21.45
N LYS B 59 10.12 -26.13 -21.06
CA LYS B 59 10.49 -27.52 -21.40
C LYS B 59 9.51 -28.53 -20.78
N MET B 60 9.09 -28.27 -19.54
CA MET B 60 8.13 -29.14 -18.81
C MET B 60 6.71 -29.00 -19.39
N MET B 61 6.41 -27.88 -20.08
CA MET B 61 5.09 -27.65 -20.72
C MET B 61 5.02 -28.23 -22.14
N GLN B 62 6.18 -28.51 -22.76
CA GLN B 62 6.25 -28.92 -24.17
C GLN B 62 5.26 -30.06 -24.44
N GLY B 63 4.60 -30.03 -25.61
CA GLY B 63 3.65 -31.05 -26.03
C GLY B 63 2.20 -30.66 -25.79
N GLY B 64 1.97 -29.74 -24.86
CA GLY B 64 0.65 -29.23 -24.61
C GLY B 64 0.10 -28.44 -25.78
N VAL B 65 -1.20 -28.54 -25.97
CA VAL B 65 -1.89 -27.67 -26.90
C VAL B 65 -1.60 -26.21 -26.54
N GLY B 66 -1.09 -25.43 -27.49
CA GLY B 66 -0.96 -23.97 -27.34
C GLY B 66 0.20 -23.58 -26.44
N ILE B 67 1.18 -24.46 -26.35
CA ILE B 67 2.45 -24.18 -25.73
C ILE B 67 3.46 -23.98 -26.86
N PRO B 68 4.20 -22.84 -26.89
CA PRO B 68 5.26 -22.64 -27.88
C PRO B 68 6.30 -23.78 -27.82
N THR B 69 6.73 -24.28 -28.96
CA THR B 69 7.81 -25.29 -29.08
C THR B 69 9.18 -24.62 -28.96
N ILE B 70 9.99 -25.09 -28.01
CA ILE B 70 11.44 -24.74 -27.90
C ILE B 70 12.18 -25.37 -29.08
N ARG B 71 12.91 -24.57 -29.85
CA ARG B 71 13.77 -25.08 -30.93
C ARG B 71 15.16 -25.43 -30.38
N TRP B 72 15.68 -24.56 -29.52
CA TRP B 72 17.05 -24.64 -29.04
C TRP B 72 17.22 -23.77 -27.78
N CYS B 73 17.98 -24.29 -26.81
CA CYS B 73 18.50 -23.54 -25.65
C CYS B 73 20.00 -23.76 -25.51
N GLY B 74 20.72 -22.69 -25.17
CA GLY B 74 22.18 -22.71 -25.06
C GLY B 74 22.74 -21.31 -24.84
N ALA B 75 24.07 -21.20 -24.83
CA ALA B 75 24.74 -19.92 -24.66
C ALA B 75 25.61 -19.65 -25.90
N GLU B 76 25.59 -18.40 -26.37
CA GLU B 76 26.47 -17.96 -27.45
C GLU B 76 27.05 -16.58 -27.12
N GLY B 77 28.37 -16.52 -26.98
CA GLY B 77 29.08 -15.30 -26.72
C GLY B 77 28.67 -14.73 -25.37
N ASP B 78 28.18 -13.50 -25.38
CA ASP B 78 27.87 -12.76 -24.16
C ASP B 78 26.52 -13.19 -23.58
N TYR B 79 25.77 -14.04 -24.30
CA TYR B 79 24.32 -14.22 -24.05
C TYR B 79 23.97 -15.66 -23.75
N ASN B 80 23.00 -15.81 -22.85
CA ASN B 80 22.16 -17.00 -22.78
C ASN B 80 20.99 -16.82 -23.77
N VAL B 81 20.59 -17.93 -24.41
CA VAL B 81 19.73 -17.88 -25.62
C VAL B 81 18.61 -18.91 -25.50
N MET B 82 17.39 -18.49 -25.86
CA MET B 82 16.30 -19.43 -26.12
C MET B 82 15.73 -19.11 -27.51
N VAL B 83 15.46 -20.16 -28.30
CA VAL B 83 14.83 -20.08 -29.63
C VAL B 83 13.50 -20.86 -29.61
N MET B 84 12.43 -20.20 -30.07
CA MET B 84 11.08 -20.73 -30.15
C MET B 84 10.54 -20.60 -31.60
N GLU B 85 9.68 -21.53 -32.03
CA GLU B 85 8.88 -21.33 -33.22
C GLU B 85 8.26 -19.92 -33.13
N LEU B 86 8.15 -19.26 -34.30
CA LEU B 86 7.58 -17.93 -34.34
C LEU B 86 6.08 -18.00 -34.06
N LEU B 87 5.58 -17.02 -33.31
CA LEU B 87 4.14 -16.88 -33.14
C LEU B 87 3.72 -15.49 -33.60
N GLY B 88 2.40 -15.33 -33.70
CA GLY B 88 1.77 -14.12 -34.14
C GLY B 88 1.38 -13.21 -32.99
N PRO B 89 0.54 -12.18 -33.25
CA PRO B 89 0.39 -11.06 -32.32
C PRO B 89 -0.40 -11.48 -31.06
N SER B 90 -0.21 -10.72 -29.99
CA SER B 90 -0.80 -10.95 -28.73
C SER B 90 -2.27 -10.57 -28.80
N LEU B 91 -3.04 -11.00 -27.79
CA LEU B 91 -4.43 -10.60 -27.67
C LEU B 91 -4.50 -9.10 -27.40
N GLU B 92 -3.52 -8.55 -26.65
CA GLU B 92 -3.48 -7.08 -26.47
C GLU B 92 -3.29 -6.41 -27.84
N ASP B 93 -2.37 -6.94 -28.66
CA ASP B 93 -2.05 -6.32 -29.95
C ASP B 93 -3.29 -6.46 -30.86
N LEU B 94 -3.92 -7.62 -30.86
CA LEU B 94 -5.11 -7.81 -31.71
C LEU B 94 -6.27 -6.91 -31.20
N PHE B 95 -6.43 -6.84 -29.87
CA PHE B 95 -7.49 -5.95 -29.23
C PHE B 95 -7.29 -4.48 -29.66
N ASN B 96 -6.05 -3.99 -29.60
CA ASN B 96 -5.70 -2.63 -30.03
C ASN B 96 -5.98 -2.47 -31.52
N PHE B 97 -5.56 -3.44 -32.31
CA PHE B 97 -5.76 -3.43 -33.76
C PHE B 97 -7.25 -3.40 -34.10
N CYS B 98 -8.11 -3.94 -33.21
CA CYS B 98 -9.58 -4.01 -33.42
C CYS B 98 -10.30 -2.85 -32.72
N SER B 99 -9.57 -1.78 -32.36
CA SER B 99 -10.16 -0.58 -31.70
C SER B 99 -10.70 -0.89 -30.31
N ARG B 100 -10.17 -1.93 -29.67
CA ARG B 100 -10.44 -2.26 -28.27
C ARG B 100 -11.93 -2.63 -28.14
N LYS B 101 -12.44 -3.31 -29.16
CA LYS B 101 -13.79 -3.84 -29.21
C LYS B 101 -13.73 -5.26 -29.80
N PHE B 102 -14.05 -6.26 -28.95
CA PHE B 102 -14.25 -7.65 -29.40
C PHE B 102 -15.73 -8.01 -29.27
N SER B 103 -16.25 -8.76 -30.26
CA SER B 103 -17.61 -9.27 -30.28
C SER B 103 -17.79 -10.36 -29.22
N LEU B 104 -19.03 -10.68 -28.87
CA LEU B 104 -19.27 -11.68 -27.84
C LEU B 104 -18.67 -13.02 -28.32
N LYS B 105 -18.89 -13.32 -29.61
CA LYS B 105 -18.45 -14.57 -30.20
C LYS B 105 -16.93 -14.72 -30.04
N THR B 106 -16.20 -13.67 -30.35
CA THR B 106 -14.75 -13.70 -30.20
C THR B 106 -14.36 -13.93 -28.74
N VAL B 107 -14.97 -13.18 -27.82
CA VAL B 107 -14.63 -13.35 -26.41
C VAL B 107 -14.90 -14.79 -26.01
N LEU B 108 -16.01 -15.40 -26.49
CA LEU B 108 -16.37 -16.75 -26.05
C LEU B 108 -15.43 -17.79 -26.69
N LEU B 109 -14.96 -17.52 -27.94
CA LEU B 109 -14.00 -18.41 -28.64
C LEU B 109 -12.67 -18.42 -27.87
N LEU B 110 -12.23 -17.23 -27.47
CA LEU B 110 -11.00 -17.07 -26.68
C LEU B 110 -11.15 -17.70 -25.29
N ALA B 111 -12.26 -17.42 -24.60
CA ALA B 111 -12.50 -17.91 -23.26
C ALA B 111 -12.30 -19.42 -23.22
N ASP B 112 -12.85 -20.14 -24.21
CA ASP B 112 -12.80 -21.57 -24.22
C ASP B 112 -11.35 -22.03 -24.20
N GLN B 113 -10.52 -21.47 -25.09
CA GLN B 113 -9.17 -21.93 -25.25
C GLN B 113 -8.34 -21.50 -24.01
N MET B 114 -8.60 -20.28 -23.51
CA MET B 114 -7.82 -19.68 -22.45
C MET B 114 -7.99 -20.47 -21.14
N ILE B 115 -9.21 -20.93 -20.86
CA ILE B 115 -9.46 -21.77 -19.71
C ILE B 115 -8.61 -23.04 -19.86
N SER B 116 -8.60 -23.63 -21.05
CA SER B 116 -7.84 -24.88 -21.35
C SER B 116 -6.31 -24.69 -21.20
N ARG B 117 -5.77 -23.52 -21.53
CA ARG B 117 -4.33 -23.33 -21.38
C ARG B 117 -3.95 -23.29 -19.91
N ILE B 118 -4.75 -22.56 -19.13
CA ILE B 118 -4.58 -22.43 -17.70
C ILE B 118 -4.69 -23.82 -17.06
N GLU B 119 -5.69 -24.60 -17.49
CA GLU B 119 -5.91 -25.94 -16.93
C GLU B 119 -4.69 -26.83 -17.22
N TYR B 120 -4.12 -26.70 -18.43
CA TYR B 120 -2.95 -27.47 -18.77
C TYR B 120 -1.80 -27.08 -17.81
N ILE B 121 -1.54 -25.77 -17.65
CA ILE B 121 -0.43 -25.33 -16.84
C ILE B 121 -0.57 -25.94 -15.43
N HIS B 122 -1.81 -25.94 -14.89
CA HIS B 122 -2.09 -26.46 -13.55
C HIS B 122 -1.83 -27.98 -13.50
N SER B 123 -2.15 -28.67 -14.60
CA SER B 123 -1.89 -30.10 -14.73
C SER B 123 -0.39 -30.38 -14.60
N LYS B 124 0.47 -29.38 -14.88
CA LYS B 124 1.90 -29.56 -14.84
C LYS B 124 2.48 -29.02 -13.53
N ASN B 125 1.60 -28.74 -12.57
CA ASN B 125 2.00 -28.47 -11.20
C ASN B 125 2.38 -27.00 -11.02
N PHE B 126 2.03 -26.16 -12.01
CA PHE B 126 2.38 -24.77 -11.94
C PHE B 126 1.12 -23.90 -11.93
N ILE B 127 1.28 -22.68 -11.43
CA ILE B 127 0.36 -21.58 -11.67
C ILE B 127 1.15 -20.46 -12.36
N HIS B 128 0.44 -19.68 -13.17
CA HIS B 128 1.01 -18.75 -14.12
C HIS B 128 1.32 -17.42 -13.44
N ARG B 129 0.27 -16.80 -12.86
CA ARG B 129 0.38 -15.60 -11.97
C ARG B 129 0.68 -14.32 -12.78
N ASP B 130 0.52 -14.38 -14.10
CA ASP B 130 0.60 -13.16 -14.97
C ASP B 130 -0.38 -13.35 -16.14
N VAL B 131 -1.62 -13.71 -15.78
CA VAL B 131 -2.69 -13.89 -16.74
C VAL B 131 -3.16 -12.49 -17.16
N LYS B 132 -2.87 -12.15 -18.41
CA LYS B 132 -3.21 -10.90 -18.99
C LYS B 132 -3.14 -11.01 -20.52
N PRO B 133 -3.82 -10.11 -21.24
CA PRO B 133 -3.92 -10.22 -22.71
C PRO B 133 -2.54 -10.36 -23.42
N ASP B 134 -1.49 -9.74 -22.88
CA ASP B 134 -0.14 -9.74 -23.55
C ASP B 134 0.48 -11.15 -23.59
N ASN B 135 0.01 -12.03 -22.70
CA ASN B 135 0.68 -13.28 -22.45
C ASN B 135 -0.10 -14.43 -23.09
N PHE B 136 -1.00 -14.09 -24.02
CA PHE B 136 -1.60 -15.04 -24.96
C PHE B 136 -1.29 -14.56 -26.39
N LEU B 137 -0.78 -15.47 -27.23
CA LEU B 137 -0.44 -15.16 -28.63
C LEU B 137 -1.25 -16.07 -29.57
N MET B 138 -1.79 -15.51 -30.66
CA MET B 138 -2.34 -16.37 -31.71
C MET B 138 -1.17 -16.98 -32.49
N GLY B 139 -1.41 -18.18 -33.05
CA GLY B 139 -0.46 -18.82 -33.93
C GLY B 139 -0.47 -18.16 -35.31
N LEU B 140 0.39 -18.67 -36.19
CA LEU B 140 0.51 -18.25 -37.60
C LEU B 140 0.17 -19.44 -38.50
N GLY B 141 -0.27 -19.14 -39.72
CA GLY B 141 -0.46 -20.14 -40.78
C GLY B 141 -1.58 -21.12 -40.43
N LYS B 142 -1.23 -22.42 -40.41
CA LYS B 142 -2.18 -23.49 -40.07
C LYS B 142 -2.54 -23.45 -38.58
N LYS B 143 -1.78 -22.72 -37.76
CA LYS B 143 -2.00 -22.63 -36.31
C LYS B 143 -2.70 -21.33 -35.91
N GLY B 144 -3.31 -20.66 -36.88
CA GLY B 144 -3.87 -19.30 -36.68
C GLY B 144 -5.19 -19.25 -35.90
N ASN B 145 -5.82 -20.41 -35.69
CA ASN B 145 -7.03 -20.51 -34.90
C ASN B 145 -6.68 -20.94 -33.46
N LEU B 146 -5.38 -21.05 -33.17
CA LEU B 146 -4.90 -21.58 -31.91
C LEU B 146 -4.37 -20.42 -31.03
N VAL B 147 -4.92 -20.33 -29.82
CA VAL B 147 -4.43 -19.45 -28.74
C VAL B 147 -3.32 -20.17 -27.99
N TYR B 148 -2.16 -19.54 -27.91
CA TYR B 148 -0.97 -20.00 -27.15
C TYR B 148 -0.80 -19.15 -25.88
N ILE B 149 -0.12 -19.71 -24.88
CA ILE B 149 0.21 -18.94 -23.68
C ILE B 149 1.73 -18.92 -23.54
N ILE B 150 2.27 -17.80 -23.02
CA ILE B 150 3.68 -17.52 -22.93
C ILE B 150 3.98 -16.88 -21.57
N ASP B 151 5.26 -16.64 -21.31
CA ASP B 151 5.76 -15.89 -20.18
C ASP B 151 5.55 -16.68 -18.89
N PHE B 152 6.62 -17.39 -18.52
CA PHE B 152 6.67 -18.19 -17.35
C PHE B 152 7.65 -17.60 -16.34
N GLY B 153 7.93 -16.30 -16.47
CA GLY B 153 8.84 -15.60 -15.61
C GLY B 153 8.33 -15.37 -14.19
N LEU B 154 7.01 -15.43 -13.98
CA LEU B 154 6.42 -15.25 -12.62
C LEU B 154 5.79 -16.55 -12.11
N ALA B 155 6.00 -17.66 -12.83
CA ALA B 155 5.36 -18.94 -12.53
C ALA B 155 6.03 -19.61 -11.34
N LYS B 156 5.28 -20.45 -10.66
CA LYS B 156 5.73 -21.08 -9.42
C LYS B 156 4.97 -22.38 -9.24
N LYS B 157 5.65 -23.42 -8.74
CA LYS B 157 4.98 -24.69 -8.38
C LYS B 157 3.96 -24.44 -7.23
N TYR B 158 2.72 -24.92 -7.42
CA TYR B 158 1.68 -24.86 -6.38
C TYR B 158 1.50 -26.24 -5.70
N ARG B 159 2.07 -27.29 -6.29
CA ARG B 159 2.06 -28.58 -5.64
C ARG B 159 3.34 -29.35 -5.98
N ASP B 160 3.68 -30.27 -5.06
CA ASP B 160 4.77 -31.21 -5.22
C ASP B 160 4.50 -32.10 -6.44
N ALA B 161 5.49 -32.14 -7.32
CA ALA B 161 5.41 -32.89 -8.55
C ALA B 161 4.90 -34.31 -8.26
N ARG B 162 5.48 -34.97 -7.25
CA ARG B 162 5.21 -36.36 -6.97
C ARG B 162 3.99 -36.55 -6.08
N THR B 163 3.95 -35.86 -4.92
CA THR B 163 2.98 -36.15 -3.84
C THR B 163 1.76 -35.21 -3.89
N HIS B 164 1.64 -34.38 -4.94
CA HIS B 164 0.48 -33.49 -5.18
C HIS B 164 0.14 -32.70 -3.89
N GLN B 165 1.17 -32.48 -3.07
CA GLN B 165 1.04 -31.72 -1.83
C GLN B 165 1.03 -30.23 -2.19
N HIS B 166 -0.15 -29.60 -2.02
CA HIS B 166 -0.34 -28.17 -2.25
C HIS B 166 0.69 -27.40 -1.40
N ILE B 167 1.15 -26.24 -1.90
CA ILE B 167 1.98 -25.29 -1.12
C ILE B 167 1.17 -24.77 0.07
N PRO B 168 1.83 -24.28 1.15
CA PRO B 168 1.10 -23.77 2.32
C PRO B 168 0.39 -22.42 2.07
N TYR B 169 -0.77 -22.22 2.69
CA TYR B 169 -1.44 -20.92 2.85
C TYR B 169 -0.47 -19.94 3.52
N ARG B 170 -0.04 -18.92 2.78
CA ARG B 170 0.83 -17.86 3.28
C ARG B 170 0.14 -16.51 3.06
N GLU B 171 0.53 -15.54 3.89
CA GLU B 171 -0.01 -14.18 3.92
C GLU B 171 1.16 -13.17 3.90
N ASN B 172 0.80 -11.88 3.83
CA ASN B 172 1.74 -10.74 3.99
C ASN B 172 2.77 -10.78 2.84
N LYS B 173 2.25 -10.89 1.60
CA LYS B 173 3.08 -10.97 0.38
C LYS B 173 3.01 -9.64 -0.38
N ASN B 174 3.91 -9.50 -1.35
CA ASN B 174 3.99 -8.37 -2.29
C ASN B 174 3.20 -8.74 -3.55
N LEU B 175 2.71 -7.74 -4.29
CA LEU B 175 1.97 -7.99 -5.53
C LEU B 175 2.98 -8.10 -6.67
N THR B 176 3.27 -9.35 -7.07
CA THR B 176 4.14 -9.66 -8.22
C THR B 176 3.25 -10.04 -9.41
N GLY B 177 3.22 -9.17 -10.42
CA GLY B 177 2.37 -9.35 -11.56
C GLY B 177 1.75 -8.04 -11.97
N THR B 178 0.67 -8.13 -12.74
CA THR B 178 -0.03 -6.99 -13.28
C THR B 178 -1.25 -6.68 -12.40
N ALA B 179 -1.26 -5.49 -11.79
CA ALA B 179 -2.26 -5.08 -10.79
C ALA B 179 -3.67 -5.11 -11.38
N ARG B 180 -3.78 -4.78 -12.66
CA ARG B 180 -5.05 -4.60 -13.32
C ARG B 180 -5.86 -5.91 -13.28
N TYR B 181 -5.17 -7.06 -13.41
CA TYR B 181 -5.86 -8.34 -13.53
C TYR B 181 -5.74 -9.18 -12.25
N ALA B 182 -5.02 -8.65 -11.24
CA ALA B 182 -4.78 -9.42 -9.99
C ALA B 182 -6.10 -9.75 -9.25
N SER B 183 -6.12 -10.93 -8.59
CA SER B 183 -7.26 -11.35 -7.77
C SER B 183 -7.34 -10.50 -6.50
N ILE B 184 -8.55 -10.46 -5.92
CA ILE B 184 -8.77 -9.78 -4.69
C ILE B 184 -7.85 -10.37 -3.60
N ASN B 185 -7.73 -11.68 -3.57
CA ASN B 185 -6.91 -12.34 -2.58
C ASN B 185 -5.42 -11.96 -2.77
N THR B 186 -5.01 -11.76 -4.03
CA THR B 186 -3.66 -11.25 -4.29
C THR B 186 -3.51 -9.87 -3.65
N HIS B 187 -4.52 -9.00 -3.82
CA HIS B 187 -4.45 -7.67 -3.25
C HIS B 187 -4.42 -7.74 -1.71
N LEU B 188 -5.01 -8.80 -1.13
CA LEU B 188 -5.01 -8.97 0.34
C LEU B 188 -3.67 -9.55 0.83
N GLY B 189 -2.77 -9.92 -0.08
CA GLY B 189 -1.42 -10.35 0.25
C GLY B 189 -1.31 -11.87 0.54
N ILE B 190 -2.34 -12.61 0.04
CA ILE B 190 -2.44 -14.08 0.15
C ILE B 190 -1.70 -14.75 -1.01
N GLU B 191 -1.13 -15.93 -0.71
CA GLU B 191 -0.44 -16.81 -1.66
C GLU B 191 -1.38 -17.16 -2.82
N GLN B 192 -0.88 -17.01 -4.05
CA GLN B 192 -1.64 -17.28 -5.27
C GLN B 192 -1.75 -18.79 -5.45
N SER B 193 -2.94 -19.25 -5.89
CA SER B 193 -3.12 -20.65 -6.22
C SER B 193 -3.93 -20.76 -7.53
N ARG B 194 -4.47 -21.95 -7.81
CA ARG B 194 -5.11 -22.19 -9.12
C ARG B 194 -6.28 -21.24 -9.30
N ARG B 195 -7.01 -20.95 -8.21
CA ARG B 195 -8.22 -20.10 -8.27
C ARG B 195 -7.88 -18.70 -8.82
N ASP B 196 -6.68 -18.22 -8.48
CA ASP B 196 -6.26 -16.87 -8.78
C ASP B 196 -6.02 -16.70 -10.30
N ASP B 197 -5.39 -17.68 -10.94
CA ASP B 197 -5.18 -17.62 -12.39
C ASP B 197 -6.54 -17.49 -13.11
N LEU B 198 -7.56 -18.22 -12.64
CA LEU B 198 -8.86 -18.23 -13.28
C LEU B 198 -9.62 -16.89 -13.03
N GLU B 199 -9.51 -16.32 -11.82
CA GLU B 199 -10.16 -15.05 -11.52
C GLU B 199 -9.58 -13.95 -12.41
N SER B 200 -8.26 -13.92 -12.53
CA SER B 200 -7.56 -12.99 -13.43
C SER B 200 -8.08 -13.14 -14.87
N LEU B 201 -8.31 -14.38 -15.32
CA LEU B 201 -8.89 -14.58 -16.64
C LEU B 201 -10.27 -13.94 -16.70
N GLY B 202 -11.03 -14.10 -15.62
CA GLY B 202 -12.38 -13.50 -15.52
C GLY B 202 -12.36 -11.98 -15.76
N TYR B 203 -11.41 -11.30 -15.12
CA TYR B 203 -11.23 -9.87 -15.34
C TYR B 203 -10.74 -9.62 -16.79
N VAL B 204 -9.90 -10.50 -17.35
CA VAL B 204 -9.44 -10.28 -18.73
C VAL B 204 -10.65 -10.33 -19.69
N LEU B 205 -11.57 -11.26 -19.42
CA LEU B 205 -12.73 -11.46 -20.30
C LEU B 205 -13.66 -10.25 -20.22
N MET B 206 -13.82 -9.68 -19.03
CA MET B 206 -14.66 -8.50 -18.89
C MET B 206 -13.97 -7.29 -19.51
N TYR B 207 -12.64 -7.28 -19.45
CA TYR B 207 -11.82 -6.27 -20.13
C TYR B 207 -12.14 -6.30 -21.64
N PHE B 208 -12.18 -7.48 -22.25
CA PHE B 208 -12.46 -7.57 -23.69
C PHE B 208 -13.88 -7.13 -23.98
N ASN B 209 -14.81 -7.41 -23.05
CA ASN B 209 -16.23 -7.01 -23.23
C ASN B 209 -16.35 -5.48 -23.19
N LEU B 210 -15.65 -4.84 -22.23
CA LEU B 210 -15.90 -3.42 -21.86
C LEU B 210 -14.98 -2.46 -22.65
N GLY B 211 -13.76 -2.89 -23.02
CA GLY B 211 -12.74 -1.98 -23.60
C GLY B 211 -11.76 -1.44 -22.55
N SER B 212 -12.18 -1.50 -21.28
CA SER B 212 -11.34 -1.19 -20.13
C SER B 212 -11.99 -1.80 -18.87
N LEU B 213 -11.33 -1.67 -17.73
CA LEU B 213 -11.91 -2.06 -16.43
C LEU B 213 -12.06 -0.81 -15.56
N PRO B 214 -13.04 -0.79 -14.63
CA PRO B 214 -13.36 0.40 -13.84
C PRO B 214 -12.22 0.87 -12.90
N TRP B 215 -11.28 -0.04 -12.59
CA TRP B 215 -10.14 0.29 -11.71
C TRP B 215 -8.92 0.65 -12.55
N GLN B 216 -9.15 0.83 -13.83
CA GLN B 216 -8.12 1.16 -14.80
C GLN B 216 -7.95 2.68 -14.84
N GLY B 217 -6.68 3.13 -14.89
CA GLY B 217 -6.34 4.54 -15.05
C GLY B 217 -6.65 5.36 -13.81
N LEU B 218 -6.41 4.79 -12.63
CA LEU B 218 -6.48 5.51 -11.35
C LEU B 218 -5.16 6.25 -11.11
N LYS B 219 -5.27 7.56 -10.88
CA LYS B 219 -4.14 8.42 -10.60
C LYS B 219 -3.71 8.20 -9.15
N ALA B 220 -2.40 8.24 -8.90
CA ALA B 220 -1.83 8.14 -7.55
C ALA B 220 -0.42 8.72 -7.52
N ALA B 221 -0.02 9.21 -6.35
CA ALA B 221 1.27 9.88 -6.17
C ALA B 221 2.45 8.90 -6.32
N THR B 222 2.22 7.62 -6.02
CA THR B 222 3.29 6.59 -6.02
C THR B 222 2.73 5.27 -6.56
N LYS B 223 3.56 4.22 -6.55
CA LYS B 223 3.18 2.90 -7.04
C LYS B 223 2.34 2.18 -5.98
N ARG B 224 2.92 2.00 -4.78
CA ARG B 224 2.25 1.38 -3.62
C ARG B 224 0.83 1.93 -3.45
N GLN B 225 0.69 3.24 -3.68
CA GLN B 225 -0.56 3.99 -3.51
C GLN B 225 -1.54 3.64 -4.64
N LYS B 226 -1.02 3.42 -5.85
CA LYS B 226 -1.83 3.06 -7.01
C LYS B 226 -2.47 1.67 -6.79
N TYR B 227 -1.66 0.74 -6.30
CA TYR B 227 -2.09 -0.63 -6.02
C TYR B 227 -3.14 -0.61 -4.91
N GLU B 228 -2.95 0.23 -3.88
CA GLU B 228 -3.96 0.47 -2.82
C GLU B 228 -5.30 0.88 -3.46
N ARG B 229 -5.25 1.83 -4.39
CA ARG B 229 -6.45 2.38 -4.99
C ARG B 229 -7.12 1.32 -5.85
N ILE B 230 -6.31 0.49 -6.53
CA ILE B 230 -6.87 -0.54 -7.45
C ILE B 230 -7.60 -1.60 -6.60
N SER B 231 -6.92 -2.11 -5.58
CA SER B 231 -7.46 -3.03 -4.59
C SER B 231 -8.81 -2.54 -4.06
N GLU B 232 -8.87 -1.29 -3.62
CA GLU B 232 -10.05 -0.78 -2.95
C GLU B 232 -11.20 -0.62 -3.95
N LYS B 233 -10.87 -0.19 -5.17
CA LYS B 233 -11.84 -0.07 -6.24
C LYS B 233 -12.42 -1.46 -6.58
N LYS B 234 -11.55 -2.48 -6.68
CA LYS B 234 -11.99 -3.83 -7.01
C LYS B 234 -12.92 -4.35 -5.90
N MET B 235 -12.48 -4.15 -4.65
CA MET B 235 -13.17 -4.68 -3.51
C MET B 235 -14.49 -3.92 -3.27
N SER B 236 -14.65 -2.73 -3.87
CA SER B 236 -15.89 -1.96 -3.71
C SER B 236 -16.78 -2.06 -4.97
N THR B 237 -16.37 -2.82 -5.98
CA THR B 237 -17.15 -3.00 -7.22
C THR B 237 -17.78 -4.40 -7.21
N PRO B 238 -19.08 -4.56 -6.86
CA PRO B 238 -19.73 -5.86 -6.93
C PRO B 238 -19.67 -6.45 -8.35
N ILE B 239 -19.67 -7.78 -8.41
CA ILE B 239 -19.57 -8.52 -9.62
C ILE B 239 -20.76 -8.21 -10.53
N GLU B 240 -21.95 -8.01 -9.93
CA GLU B 240 -23.13 -7.69 -10.76
C GLU B 240 -22.97 -6.30 -11.41
N VAL B 241 -22.20 -5.40 -10.79
CA VAL B 241 -22.00 -4.06 -11.33
C VAL B 241 -20.94 -4.14 -12.46
N LEU B 242 -19.83 -4.84 -12.18
CA LEU B 242 -18.76 -5.03 -13.16
C LEU B 242 -19.35 -5.58 -14.46
N CYS B 243 -20.32 -6.51 -14.33
CA CYS B 243 -20.75 -7.34 -15.47
C CYS B 243 -22.13 -6.91 -15.99
N LYS B 244 -22.70 -5.81 -15.50
CA LYS B 244 -23.98 -5.30 -15.99
C LYS B 244 -23.96 -5.13 -17.51
N GLY B 245 -25.02 -5.63 -18.16
CA GLY B 245 -25.22 -5.46 -19.61
C GLY B 245 -24.47 -6.47 -20.44
N TYR B 246 -23.89 -7.50 -19.79
CA TYR B 246 -23.22 -8.62 -20.45
C TYR B 246 -23.89 -9.91 -19.99
N PRO B 247 -23.83 -10.99 -20.78
CA PRO B 247 -24.47 -12.24 -20.34
C PRO B 247 -24.04 -12.62 -18.92
N SER B 248 -24.99 -13.14 -18.14
CA SER B 248 -24.78 -13.44 -16.76
C SER B 248 -23.59 -14.39 -16.59
N GLU B 249 -23.26 -15.17 -17.64
CA GLU B 249 -22.22 -16.19 -17.51
C GLU B 249 -20.92 -15.58 -16.98
N PHE B 250 -20.59 -14.37 -17.41
CA PHE B 250 -19.37 -13.72 -16.98
C PHE B 250 -19.33 -13.49 -15.47
N ALA B 251 -20.51 -13.29 -14.85
CA ALA B 251 -20.69 -13.04 -13.43
C ALA B 251 -20.67 -14.38 -12.67
N THR B 252 -21.30 -15.39 -13.27
CA THR B 252 -21.37 -16.71 -12.70
C THR B 252 -19.93 -17.24 -12.61
N TYR B 253 -19.13 -17.01 -13.69
CA TYR B 253 -17.71 -17.40 -13.78
C TYR B 253 -16.87 -16.76 -12.67
N LEU B 254 -16.96 -15.43 -12.53
CA LEU B 254 -16.14 -14.72 -11.49
C LEU B 254 -16.59 -15.12 -10.07
N ASN B 255 -17.91 -15.27 -9.85
CA ASN B 255 -18.46 -15.61 -8.51
C ASN B 255 -17.94 -16.99 -8.11
N PHE B 256 -17.93 -17.93 -9.05
CA PHE B 256 -17.44 -19.28 -8.79
C PHE B 256 -15.94 -19.22 -8.49
N CYS B 257 -15.17 -18.42 -9.24
CA CYS B 257 -13.74 -18.26 -8.93
C CYS B 257 -13.55 -17.67 -7.52
N ARG B 258 -14.32 -16.62 -7.17
CA ARG B 258 -14.17 -15.96 -5.87
C ARG B 258 -14.63 -16.93 -4.75
N SER B 259 -15.44 -17.93 -5.07
CA SER B 259 -15.94 -18.91 -4.05
C SER B 259 -14.92 -20.05 -3.76
N LEU B 260 -13.94 -20.20 -4.66
CA LEU B 260 -13.00 -21.31 -4.59
C LEU B 260 -12.14 -21.14 -3.36
N ARG B 261 -11.83 -22.27 -2.70
CA ARG B 261 -10.93 -22.33 -1.58
C ARG B 261 -9.48 -22.39 -2.09
N PHE B 262 -8.54 -22.06 -1.19
CA PHE B 262 -7.14 -21.98 -1.50
C PHE B 262 -6.68 -23.17 -2.34
N ASP B 263 -6.97 -24.38 -1.87
CA ASP B 263 -6.37 -25.58 -2.44
C ASP B 263 -7.41 -26.37 -3.25
N ASP B 264 -8.54 -25.74 -3.61
CA ASP B 264 -9.53 -26.39 -4.44
C ASP B 264 -8.98 -26.55 -5.86
N LYS B 265 -9.29 -27.73 -6.41
CA LYS B 265 -9.17 -28.02 -7.81
C LYS B 265 -10.37 -27.40 -8.52
N PRO B 266 -10.16 -26.37 -9.37
CA PRO B 266 -11.26 -25.75 -10.07
C PRO B 266 -11.92 -26.76 -11.02
N ASP B 267 -13.25 -26.66 -11.14
CA ASP B 267 -13.99 -27.44 -12.13
C ASP B 267 -13.89 -26.71 -13.49
N TYR B 268 -12.74 -26.86 -14.17
CA TYR B 268 -12.45 -26.26 -15.51
C TYR B 268 -13.63 -26.57 -16.44
N SER B 269 -14.05 -27.84 -16.40
CA SER B 269 -15.05 -28.35 -17.28
C SER B 269 -16.34 -27.55 -17.10
N TYR B 270 -16.70 -27.33 -15.83
CA TYR B 270 -17.89 -26.55 -15.52
C TYR B 270 -17.77 -25.17 -16.18
N LEU B 271 -16.58 -24.56 -16.12
CA LEU B 271 -16.41 -23.16 -16.55
C LEU B 271 -16.51 -23.08 -18.08
N ARG B 272 -15.91 -24.03 -18.80
CA ARG B 272 -16.01 -24.09 -20.30
C ARG B 272 -17.45 -24.34 -20.72
N GLN B 273 -18.14 -25.24 -20.00
CA GLN B 273 -19.53 -25.62 -20.34
C GLN B 273 -20.43 -24.40 -20.20
N LEU B 274 -20.13 -23.58 -19.18
CA LEU B 274 -20.87 -22.36 -18.94
C LEU B 274 -20.86 -21.52 -20.24
N PHE B 275 -19.66 -21.25 -20.75
CA PHE B 275 -19.50 -20.37 -21.92
C PHE B 275 -20.02 -21.07 -23.18
N ARG B 276 -19.91 -22.40 -23.22
CA ARG B 276 -20.37 -23.22 -24.35
C ARG B 276 -21.90 -23.18 -24.48
N ASN B 277 -22.61 -23.27 -23.36
CA ASN B 277 -24.06 -23.27 -23.40
C ASN B 277 -24.53 -21.91 -23.94
N LEU B 278 -23.92 -20.82 -23.45
CA LEU B 278 -24.24 -19.47 -23.91
C LEU B 278 -23.93 -19.33 -25.41
N PHE B 279 -22.78 -19.86 -25.81
CA PHE B 279 -22.34 -19.91 -27.19
C PHE B 279 -23.46 -20.48 -28.09
N HIS B 280 -24.04 -21.61 -27.67
CA HIS B 280 -25.05 -22.33 -28.44
C HIS B 280 -26.38 -21.57 -28.47
N ARG B 281 -26.76 -20.97 -27.32
CA ARG B 281 -27.98 -20.15 -27.16
CA ARG B 281 -27.98 -20.13 -27.15
C ARG B 281 -27.93 -18.92 -28.12
N GLN B 282 -26.72 -18.44 -28.41
CA GLN B 282 -26.52 -17.31 -29.30
C GLN B 282 -26.47 -17.77 -30.76
N GLY B 283 -26.49 -19.08 -30.97
CA GLY B 283 -26.44 -19.66 -32.32
C GLY B 283 -25.09 -19.50 -33.01
N PHE B 284 -24.01 -19.33 -32.26
CA PHE B 284 -22.64 -19.23 -32.82
C PHE B 284 -22.11 -20.63 -33.19
N SER B 285 -21.13 -20.70 -34.10
CA SER B 285 -20.46 -21.97 -34.50
C SER B 285 -18.97 -21.90 -34.16
N TYR B 286 -18.40 -22.99 -33.64
CA TYR B 286 -16.96 -23.06 -33.35
C TYR B 286 -16.20 -23.24 -34.67
N ASP B 287 -16.35 -22.25 -35.56
CA ASP B 287 -15.54 -22.06 -36.76
C ASP B 287 -14.63 -20.89 -36.42
N TYR B 288 -13.33 -21.12 -36.38
CA TYR B 288 -12.49 -20.23 -35.60
C TYR B 288 -12.30 -18.91 -36.33
N VAL B 289 -13.43 -18.27 -36.65
CA VAL B 289 -13.45 -17.01 -37.34
C VAL B 289 -13.60 -15.93 -36.28
N PHE B 290 -12.46 -15.37 -35.87
CA PHE B 290 -12.39 -14.29 -34.90
C PHE B 290 -12.60 -12.96 -35.62
N ASP B 291 -12.90 -11.90 -34.85
CA ASP B 291 -13.20 -10.58 -35.41
C ASP B 291 -12.14 -10.15 -36.42
N TRP B 292 -10.87 -10.48 -36.12
CA TRP B 292 -9.77 -9.98 -36.92
C TRP B 292 -9.64 -10.78 -38.23
N ASN B 293 -10.26 -11.96 -38.31
CA ASN B 293 -10.26 -12.79 -39.52
C ASN B 293 -11.22 -12.22 -40.57
N MET B 294 -11.99 -11.19 -40.23
CA MET B 294 -13.01 -10.67 -41.15
C MET B 294 -12.57 -9.32 -41.75
N LEU B 295 -11.37 -8.85 -41.39
CA LEU B 295 -10.79 -7.64 -41.92
C LEU B 295 -10.29 -7.89 -43.34
N LYS B 296 -11.05 -7.38 -44.33
CA LYS B 296 -10.81 -7.65 -45.78
C LYS B 296 -9.64 -6.80 -46.30
N LEU C 5 21.80 47.47 -38.34
CA LEU C 5 21.43 48.59 -37.41
C LEU C 5 22.63 48.94 -36.52
N ARG C 6 22.78 50.24 -36.23
CA ARG C 6 23.87 50.82 -35.41
C ARG C 6 23.38 51.05 -33.98
N VAL C 7 23.96 50.31 -33.03
CA VAL C 7 23.52 50.28 -31.65
C VAL C 7 24.62 50.87 -30.77
N GLY C 8 24.21 51.66 -29.78
CA GLY C 8 25.11 52.54 -29.10
C GLY C 8 25.76 53.46 -30.09
N ASN C 9 27.09 53.53 -30.03
CA ASN C 9 27.84 54.30 -31.01
C ASN C 9 28.61 53.35 -31.91
N ARG C 10 29.11 52.25 -31.32
CA ARG C 10 30.22 51.45 -31.85
C ARG C 10 29.79 49.99 -32.11
N TYR C 11 28.52 49.64 -31.86
CA TYR C 11 28.09 48.22 -32.01
C TYR C 11 27.17 48.09 -33.23
N ARG C 12 27.48 47.11 -34.08
CA ARG C 12 26.65 46.80 -35.22
C ARG C 12 25.88 45.50 -34.95
N LEU C 13 24.57 45.56 -35.16
CA LEU C 13 23.66 44.48 -34.85
C LEU C 13 23.57 43.53 -36.05
N GLY C 14 23.94 42.25 -35.84
CA GLY C 14 23.79 41.14 -36.84
C GLY C 14 22.47 40.39 -36.69
N ARG C 15 22.41 39.21 -37.32
CA ARG C 15 21.25 38.31 -37.24
C ARG C 15 21.15 37.68 -35.85
N LYS C 16 20.07 36.92 -35.62
CA LYS C 16 19.81 36.24 -34.35
C LYS C 16 20.83 35.12 -34.13
N ILE C 17 21.24 34.96 -32.86
CA ILE C 17 21.94 33.76 -32.37
C ILE C 17 20.90 32.66 -32.13
N GLY C 18 19.84 32.98 -31.38
CA GLY C 18 18.77 32.02 -31.08
C GLY C 18 17.52 32.64 -30.45
N SER C 19 16.40 31.90 -30.58
CA SER C 19 15.19 32.06 -29.73
C SER C 19 15.59 31.95 -28.25
N GLY C 23 13.17 39.10 -25.47
CA GLY C 23 14.53 38.75 -25.11
C GLY C 23 15.19 37.80 -26.10
N ASP C 24 15.20 38.14 -27.39
CA ASP C 24 16.01 37.41 -28.38
C ASP C 24 17.47 37.87 -28.31
N ILE C 25 18.35 36.95 -28.71
CA ILE C 25 19.77 37.11 -28.62
C ILE C 25 20.29 37.22 -30.06
N TYR C 26 21.17 38.22 -30.29
CA TYR C 26 21.71 38.53 -31.62
C TYR C 26 23.25 38.53 -31.59
N LEU C 27 23.85 38.09 -32.69
CA LEU C 27 25.27 38.30 -32.97
C LEU C 27 25.44 39.79 -33.28
N GLY C 28 26.54 40.38 -32.79
CA GLY C 28 26.87 41.77 -33.07
C GLY C 28 28.36 41.94 -33.22
N THR C 29 28.80 43.13 -33.63
CA THR C 29 30.19 43.43 -33.73
C THR C 29 30.45 44.75 -33.02
N ASP C 30 31.45 44.76 -32.16
CA ASP C 30 32.07 45.98 -31.72
C ASP C 30 33.00 46.46 -32.85
N ILE C 31 32.43 47.27 -33.74
CA ILE C 31 33.09 47.82 -34.92
C ILE C 31 34.43 48.47 -34.53
N ALA C 32 34.44 49.16 -33.38
CA ALA C 32 35.58 49.92 -32.90
C ALA C 32 36.77 49.02 -32.56
N ALA C 33 36.50 47.92 -31.86
CA ALA C 33 37.54 47.08 -31.22
C ALA C 33 37.83 45.82 -32.06
N GLY C 34 37.00 45.55 -33.07
CA GLY C 34 37.09 44.35 -33.90
C GLY C 34 36.85 43.06 -33.13
N GLU C 35 35.73 43.01 -32.39
CA GLU C 35 35.37 41.85 -31.56
C GLU C 35 33.89 41.57 -31.73
N GLU C 36 33.52 40.29 -31.80
CA GLU C 36 32.11 39.91 -31.80
C GLU C 36 31.57 40.10 -30.39
N VAL C 37 30.27 40.37 -30.32
CA VAL C 37 29.51 40.58 -29.08
C VAL C 37 28.16 39.85 -29.18
N ALA C 38 27.48 39.74 -28.05
CA ALA C 38 26.08 39.25 -28.00
C ALA C 38 25.18 40.39 -27.54
N ILE C 39 24.02 40.55 -28.19
CA ILE C 39 23.10 41.62 -27.86
C ILE C 39 21.73 41.03 -27.49
N LYS C 40 21.18 41.49 -26.37
CA LYS C 40 19.82 41.17 -25.96
C LYS C 40 18.97 42.43 -26.06
N LEU C 41 17.91 42.35 -26.84
CA LEU C 41 16.89 43.40 -26.94
C LEU C 41 15.70 43.07 -26.02
N GLU C 42 15.16 44.10 -25.37
CA GLU C 42 13.87 44.06 -24.64
C GLU C 42 13.05 45.32 -24.99
N CYS C 43 11.82 45.09 -25.49
CA CYS C 43 10.85 46.15 -25.83
C CYS C 43 10.69 47.11 -24.65
N VAL C 44 10.49 48.39 -24.99
CA VAL C 44 10.50 49.52 -24.06
C VAL C 44 9.33 49.39 -23.06
N LYS C 45 8.17 48.90 -23.50
CA LYS C 45 6.96 48.84 -22.66
C LYS C 45 6.64 47.40 -22.30
N THR C 46 7.43 46.81 -21.38
CA THR C 46 7.09 45.52 -20.75
C THR C 46 6.38 45.82 -19.42
N LYS C 47 5.28 45.12 -19.13
CA LYS C 47 4.62 45.14 -17.80
C LYS C 47 5.25 44.06 -16.90
N HIS C 48 6.45 43.60 -17.30
CA HIS C 48 7.39 42.84 -16.46
C HIS C 48 8.83 43.15 -16.89
N PRO C 49 9.30 44.41 -16.71
CA PRO C 49 10.62 44.82 -17.22
C PRO C 49 11.76 44.07 -16.52
N GLN C 50 12.63 43.41 -17.31
CA GLN C 50 13.62 42.48 -16.76
C GLN C 50 15.03 43.00 -17.03
N LEU C 51 15.35 43.29 -18.30
CA LEU C 51 16.73 43.43 -18.75
C LEU C 51 17.50 44.41 -17.86
N HIS C 52 16.94 45.60 -17.64
CA HIS C 52 17.66 46.69 -16.98
C HIS C 52 17.89 46.34 -15.50
N ILE C 53 16.95 45.60 -14.91
CA ILE C 53 17.13 45.07 -13.56
C ILE C 53 18.19 43.97 -13.57
N GLU C 54 18.05 43.02 -14.50
CA GLU C 54 19.06 41.96 -14.74
C GLU C 54 20.45 42.59 -15.01
N SER C 55 20.50 43.68 -15.79
CA SER C 55 21.78 44.31 -16.14
C SER C 55 22.42 44.91 -14.88
N LYS C 56 21.60 45.43 -13.95
CA LYS C 56 22.12 45.92 -12.65
C LYS C 56 22.88 44.80 -11.93
N ILE C 57 22.34 43.57 -11.97
CA ILE C 57 22.94 42.46 -11.22
C ILE C 57 24.24 42.05 -11.91
N TYR C 58 24.22 41.94 -13.24
CA TYR C 58 25.44 41.62 -14.02
C TYR C 58 26.57 42.61 -13.68
N LYS C 59 26.21 43.89 -13.51
CA LYS C 59 27.17 44.96 -13.17
C LYS C 59 27.79 44.72 -11.78
N MET C 60 26.98 44.24 -10.82
CA MET C 60 27.44 43.94 -9.45
C MET C 60 28.31 42.68 -9.42
N MET C 61 28.17 41.79 -10.43
CA MET C 61 28.95 40.53 -10.51
C MET C 61 30.28 40.76 -11.26
N GLN C 62 30.37 41.85 -12.06
CA GLN C 62 31.53 42.10 -12.94
C GLN C 62 32.83 41.92 -12.15
N GLY C 63 33.85 41.35 -12.81
CA GLY C 63 35.16 41.13 -12.21
C GLY C 63 35.34 39.71 -11.70
N GLY C 64 34.24 39.04 -11.38
CA GLY C 64 34.25 37.66 -10.97
C GLY C 64 34.71 36.75 -12.10
N VAL C 65 35.45 35.72 -11.73
CA VAL C 65 35.80 34.67 -12.66
C VAL C 65 34.51 34.10 -13.27
N GLY C 66 34.42 34.05 -14.61
CA GLY C 66 33.34 33.37 -15.32
C GLY C 66 32.01 34.11 -15.26
N ILE C 67 32.09 35.42 -15.05
CA ILE C 67 30.99 36.33 -15.21
C ILE C 67 31.20 37.06 -16.53
N PRO C 68 30.23 37.04 -17.46
CA PRO C 68 30.42 37.71 -18.74
C PRO C 68 30.56 39.23 -18.50
N THR C 69 31.40 39.87 -19.31
CA THR C 69 31.63 41.33 -19.25
C THR C 69 30.52 42.09 -19.99
N ILE C 70 29.87 43.03 -19.31
CA ILE C 70 28.97 44.03 -19.94
C ILE C 70 29.80 45.00 -20.78
N ARG C 71 29.48 45.14 -22.06
CA ARG C 71 30.15 46.11 -22.93
C ARG C 71 29.41 47.45 -22.87
N TRP C 72 28.07 47.39 -22.90
CA TRP C 72 27.23 48.56 -23.04
C TRP C 72 25.79 48.22 -22.62
N CYS C 73 25.16 49.16 -21.89
CA CYS C 73 23.71 49.16 -21.63
C CYS C 73 23.12 50.53 -21.98
N GLY C 74 21.93 50.53 -22.58
CA GLY C 74 21.26 51.74 -23.07
C GLY C 74 20.02 51.37 -23.86
N ALA C 75 19.37 52.39 -24.42
CA ALA C 75 18.13 52.22 -25.16
C ALA C 75 18.33 52.71 -26.59
N GLU C 76 17.78 51.96 -27.55
CA GLU C 76 17.84 52.27 -28.97
C GLU C 76 16.48 51.96 -29.58
N GLY C 77 15.80 53.00 -30.05
CA GLY C 77 14.50 52.88 -30.67
C GLY C 77 13.48 52.28 -29.73
N ASP C 78 12.89 51.16 -30.14
CA ASP C 78 11.78 50.55 -29.45
C ASP C 78 12.28 49.73 -28.23
N TYR C 79 13.61 49.61 -28.07
CA TYR C 79 14.22 48.56 -27.26
C TYR C 79 15.10 49.14 -26.16
N ASN C 80 15.12 48.43 -25.03
CA ASN C 80 16.24 48.43 -24.11
C ASN C 80 17.25 47.37 -24.59
N VAL C 81 18.54 47.65 -24.41
CA VAL C 81 19.63 46.92 -25.10
C VAL C 81 20.73 46.61 -24.09
N MET C 82 21.23 45.37 -24.15
CA MET C 82 22.42 44.98 -23.41
C MET C 82 23.39 44.29 -24.38
N VAL C 83 24.66 44.71 -24.29
CA VAL C 83 25.76 44.13 -25.08
C VAL C 83 26.78 43.49 -24.14
N MET C 84 27.10 42.22 -24.42
CA MET C 84 28.05 41.40 -23.67
C MET C 84 29.16 40.89 -24.61
N GLU C 85 30.38 40.69 -24.09
CA GLU C 85 31.40 39.94 -24.83
C GLU C 85 30.74 38.64 -25.29
N LEU C 86 31.11 38.17 -26.48
CA LEU C 86 30.57 36.95 -27.03
C LEU C 86 31.11 35.76 -26.23
N LEU C 87 30.25 34.76 -26.02
CA LEU C 87 30.69 33.55 -25.42
C LEU C 87 30.31 32.40 -26.35
N GLY C 88 30.83 31.22 -25.99
CA GLY C 88 30.63 30.01 -26.72
C GLY C 88 29.45 29.20 -26.20
N PRO C 89 29.38 27.91 -26.59
CA PRO C 89 28.12 27.17 -26.50
C PRO C 89 27.81 26.80 -25.05
N SER C 90 26.54 26.52 -24.77
CA SER C 90 26.07 26.14 -23.47
C SER C 90 26.50 24.70 -23.19
N LEU C 91 26.42 24.30 -21.91
CA LEU C 91 26.65 22.95 -21.50
C LEU C 91 25.56 22.05 -22.12
N GLU C 92 24.33 22.56 -22.26
CA GLU C 92 23.30 21.78 -22.97
C GLU C 92 23.72 21.55 -24.41
N ASP C 93 24.22 22.60 -25.09
CA ASP C 93 24.60 22.50 -26.50
C ASP C 93 25.77 21.52 -26.63
N LEU C 94 26.75 21.64 -25.73
CA LEU C 94 27.92 20.77 -25.81
C LEU C 94 27.52 19.32 -25.47
N PHE C 95 26.65 19.14 -24.46
CA PHE C 95 26.15 17.78 -24.08
C PHE C 95 25.45 17.09 -25.27
N ASN C 96 24.57 17.83 -25.97
CA ASN C 96 23.87 17.32 -27.17
C ASN C 96 24.90 16.99 -28.25
N PHE C 97 25.84 17.90 -28.47
CA PHE C 97 26.88 17.73 -29.47
C PHE C 97 27.71 16.47 -29.17
N CYS C 98 27.83 16.10 -27.88
CA CYS C 98 28.66 14.92 -27.45
C CYS C 98 27.80 13.66 -27.29
N SER C 99 26.59 13.65 -27.86
CA SER C 99 25.68 12.48 -27.82
C SER C 99 25.17 12.21 -26.40
N ARG C 100 25.13 13.26 -25.57
CA ARG C 100 24.50 13.23 -24.25
C ARG C 100 25.21 12.21 -23.34
N LYS C 101 26.54 12.13 -23.51
CA LYS C 101 27.42 11.34 -22.66
C LYS C 101 28.68 12.17 -22.40
N PHE C 102 28.91 12.51 -21.12
CA PHE C 102 30.14 13.12 -20.65
C PHE C 102 30.90 12.11 -19.76
N SER C 103 32.24 12.09 -19.92
CA SER C 103 33.15 11.23 -19.15
C SER C 103 33.21 11.74 -17.70
N LEU C 104 33.70 10.90 -16.79
CA LEU C 104 33.72 11.29 -15.38
C LEU C 104 34.62 12.55 -15.23
N LYS C 105 35.75 12.55 -15.96
CA LYS C 105 36.71 13.62 -15.90
C LYS C 105 36.07 14.95 -16.29
N THR C 106 35.31 14.95 -17.38
CA THR C 106 34.62 16.14 -17.80
C THR C 106 33.61 16.60 -16.72
N VAL C 107 32.81 15.67 -16.21
CA VAL C 107 31.83 16.03 -15.17
C VAL C 107 32.56 16.62 -13.98
N LEU C 108 33.72 16.06 -13.60
CA LEU C 108 34.42 16.54 -12.39
C LEU C 108 35.07 17.90 -12.65
N LEU C 109 35.53 18.15 -13.91
CA LEU C 109 36.14 19.45 -14.30
C LEU C 109 35.07 20.53 -14.22
N LEU C 110 33.88 20.21 -14.72
CA LEU C 110 32.72 21.13 -14.71
C LEU C 110 32.26 21.39 -13.27
N ALA C 111 32.08 20.32 -12.49
CA ALA C 111 31.64 20.42 -11.13
C ALA C 111 32.47 21.45 -10.36
N ASP C 112 33.80 21.36 -10.48
CA ASP C 112 34.68 22.20 -9.70
C ASP C 112 34.40 23.66 -10.01
N GLN C 113 34.30 24.02 -11.29
CA GLN C 113 34.12 25.40 -11.69
C GLN C 113 32.71 25.88 -11.28
N MET C 114 31.72 25.02 -11.51
CA MET C 114 30.32 25.37 -11.33
C MET C 114 30.01 25.64 -9.85
N ILE C 115 30.61 24.89 -8.94
CA ILE C 115 30.49 25.16 -7.51
C ILE C 115 31.03 26.57 -7.25
N SER C 116 32.16 26.90 -7.84
CA SER C 116 32.84 28.24 -7.66
C SER C 116 32.01 29.40 -8.21
N ARG C 117 31.26 29.19 -9.30
CA ARG C 117 30.45 30.25 -9.86
C ARG C 117 29.30 30.59 -8.90
N ILE C 118 28.64 29.52 -8.40
CA ILE C 118 27.53 29.63 -7.52
C ILE C 118 28.01 30.27 -6.21
N GLU C 119 29.20 29.85 -5.73
CA GLU C 119 29.76 30.41 -4.50
C GLU C 119 30.01 31.92 -4.68
N TYR C 120 30.51 32.31 -5.84
CA TYR C 120 30.74 33.71 -6.08
C TYR C 120 29.40 34.48 -6.02
N ILE C 121 28.37 33.98 -6.71
CA ILE C 121 27.11 34.69 -6.76
C ILE C 121 26.59 34.90 -5.31
N HIS C 122 26.74 33.88 -4.46
CA HIS C 122 26.27 33.93 -3.05
C HIS C 122 27.11 34.95 -2.28
N SER C 123 28.40 35.04 -2.62
CA SER C 123 29.29 36.04 -2.03
C SER C 123 28.79 37.45 -2.32
N LYS C 124 28.00 37.62 -3.37
CA LYS C 124 27.49 38.93 -3.77
C LYS C 124 26.07 39.14 -3.25
N ASN C 125 25.60 38.24 -2.39
CA ASN C 125 24.35 38.44 -1.67
C ASN C 125 23.16 38.01 -2.53
N PHE C 126 23.43 37.23 -3.58
CA PHE C 126 22.37 36.78 -4.46
C PHE C 126 22.30 35.25 -4.47
N ILE C 127 21.13 34.72 -4.84
CA ILE C 127 20.98 33.34 -5.30
C ILE C 127 20.40 33.40 -6.71
N HIS C 128 20.76 32.39 -7.53
CA HIS C 128 20.54 32.37 -8.96
C HIS C 128 19.10 31.91 -9.30
N ARG C 129 18.75 30.71 -8.83
CA ARG C 129 17.38 30.14 -8.86
C ARG C 129 17.03 29.55 -10.23
N ASP C 130 18.02 29.45 -11.13
CA ASP C 130 17.79 28.78 -12.44
C ASP C 130 19.08 28.08 -12.86
N VAL C 131 19.58 27.24 -11.94
CA VAL C 131 20.71 26.43 -12.20
C VAL C 131 20.30 25.28 -13.15
N LYS C 132 20.82 25.35 -14.39
CA LYS C 132 20.56 24.35 -15.40
C LYS C 132 21.64 24.41 -16.49
N PRO C 133 21.80 23.34 -17.28
CA PRO C 133 22.84 23.27 -18.30
C PRO C 133 22.84 24.47 -19.28
N ASP C 134 21.67 25.03 -19.56
CA ASP C 134 21.55 26.13 -20.57
C ASP C 134 22.19 27.43 -20.05
N ASN C 135 22.35 27.54 -18.73
CA ASN C 135 22.71 28.80 -18.13
C ASN C 135 24.19 28.79 -17.71
N PHE C 136 24.96 27.83 -18.25
CA PHE C 136 26.40 27.82 -18.17
C PHE C 136 26.99 27.74 -19.58
N LEU C 137 27.90 28.67 -19.90
CA LEU C 137 28.48 28.79 -21.27
C LEU C 137 30.00 28.67 -21.16
N MET C 138 30.62 27.90 -22.07
CA MET C 138 32.08 27.92 -22.17
C MET C 138 32.49 29.22 -22.86
N GLY C 139 33.69 29.71 -22.53
CA GLY C 139 34.29 30.87 -23.19
C GLY C 139 34.78 30.50 -24.58
N LEU C 140 35.30 31.49 -25.27
CA LEU C 140 35.96 31.34 -26.60
C LEU C 140 37.42 31.76 -26.47
N GLY C 141 38.25 31.22 -27.37
CA GLY C 141 39.66 31.67 -27.53
C GLY C 141 40.49 31.31 -26.31
N LYS C 142 41.12 32.32 -25.71
CA LYS C 142 41.96 32.13 -24.53
C LYS C 142 41.10 31.81 -23.29
N LYS C 143 39.78 32.00 -23.37
CA LYS C 143 38.85 31.79 -22.25
C LYS C 143 38.07 30.48 -22.42
N GLY C 144 38.54 29.59 -23.31
CA GLY C 144 37.82 28.38 -23.72
C GLY C 144 37.78 27.27 -22.68
N ASN C 145 38.62 27.36 -21.65
CA ASN C 145 38.61 26.39 -20.56
C ASN C 145 37.77 26.91 -19.38
N LEU C 146 37.12 28.06 -19.57
CA LEU C 146 36.41 28.74 -18.50
C LEU C 146 34.90 28.54 -18.68
N VAL C 147 34.26 28.06 -17.61
CA VAL C 147 32.81 27.94 -17.46
C VAL C 147 32.32 29.30 -16.95
N TYR C 148 31.39 29.90 -17.70
CA TYR C 148 30.71 31.15 -17.33
C TYR C 148 29.27 30.85 -16.91
N ILE C 149 28.68 31.74 -16.12
CA ILE C 149 27.25 31.60 -15.79
C ILE C 149 26.52 32.84 -16.30
N ILE C 150 25.28 32.63 -16.75
CA ILE C 150 24.42 33.65 -17.34
C ILE C 150 23.00 33.55 -16.74
N ASP C 151 22.15 34.51 -17.13
CA ASP C 151 20.73 34.55 -16.85
C ASP C 151 20.52 34.83 -15.35
N PHE C 152 20.32 36.10 -15.04
CA PHE C 152 20.04 36.57 -13.72
C PHE C 152 18.61 37.09 -13.63
N GLY C 153 17.76 36.64 -14.57
CA GLY C 153 16.38 37.09 -14.66
C GLY C 153 15.48 36.48 -13.58
N LEU C 154 15.91 35.43 -12.86
CA LEU C 154 15.13 34.85 -11.74
C LEU C 154 15.83 35.06 -10.40
N ALA C 155 16.89 35.87 -10.37
CA ALA C 155 17.73 36.02 -9.18
C ALA C 155 17.05 36.92 -8.14
N LYS C 156 17.45 36.77 -6.87
CA LYS C 156 16.96 37.58 -5.81
C LYS C 156 18.04 37.70 -4.72
N LYS C 157 18.10 38.85 -4.04
CA LYS C 157 18.95 38.99 -2.85
C LYS C 157 18.42 38.11 -1.72
N TYR C 158 19.30 37.30 -1.11
CA TYR C 158 18.94 36.41 0.01
C TYR C 158 19.41 37.01 1.35
N ARG C 159 20.20 38.11 1.30
CA ARG C 159 20.65 38.86 2.53
C ARG C 159 20.98 40.31 2.13
N HIS C 166 19.72 37.46 6.44
CA HIS C 166 19.04 36.48 5.62
C HIS C 166 17.56 36.89 5.48
N ILE C 167 16.99 36.62 4.30
CA ILE C 167 15.54 36.74 4.03
C ILE C 167 14.76 35.79 4.94
N PRO C 168 13.48 36.07 5.22
CA PRO C 168 12.67 35.17 6.06
C PRO C 168 12.30 33.85 5.35
N TYR C 169 12.21 32.76 6.13
CA TYR C 169 11.55 31.51 5.74
C TYR C 169 10.11 31.78 5.30
N ARG C 170 9.84 31.57 4.01
CA ARG C 170 8.51 31.78 3.44
C ARG C 170 8.08 30.51 2.71
N GLU C 171 6.77 30.37 2.51
CA GLU C 171 6.12 29.50 1.52
C GLU C 171 5.07 30.35 0.78
N ASN C 172 4.74 29.98 -0.46
CA ASN C 172 3.92 30.84 -1.34
C ASN C 172 3.23 29.96 -2.39
N LYS C 173 3.05 30.49 -3.61
CA LYS C 173 2.33 29.81 -4.70
C LYS C 173 3.32 29.29 -5.76
N ASN C 174 4.17 30.19 -6.26
CA ASN C 174 4.77 30.08 -7.62
C ASN C 174 6.03 29.19 -7.63
N LEU C 175 6.06 28.17 -8.51
CA LEU C 175 7.31 27.49 -8.87
C LEU C 175 8.01 28.30 -9.97
N THR C 176 9.08 29.01 -9.55
CA THR C 176 9.89 29.83 -10.44
C THR C 176 11.18 29.09 -10.81
N GLY C 177 11.29 28.70 -12.09
CA GLY C 177 12.47 28.10 -12.64
C GLY C 177 12.14 26.85 -13.43
N THR C 178 13.16 26.02 -13.65
CA THR C 178 13.05 24.83 -14.48
C THR C 178 12.87 23.58 -13.60
N ALA C 179 11.72 22.91 -13.78
CA ALA C 179 11.23 21.88 -12.86
C ALA C 179 12.21 20.68 -12.80
N ARG C 180 12.90 20.41 -13.91
CA ARG C 180 13.74 19.24 -14.00
C ARG C 180 14.85 19.30 -12.94
N TYR C 181 15.37 20.49 -12.64
CA TYR C 181 16.54 20.62 -11.76
C TYR C 181 16.13 21.24 -10.41
N ALA C 182 14.83 21.53 -10.23
CA ALA C 182 14.34 22.17 -8.98
C ALA C 182 14.59 21.28 -7.75
N SER C 183 14.86 21.93 -6.62
CA SER C 183 15.02 21.28 -5.34
C SER C 183 13.67 20.77 -4.82
N ILE C 184 13.75 19.78 -3.93
CA ILE C 184 12.60 19.21 -3.33
C ILE C 184 11.84 20.31 -2.56
N ASN C 185 12.61 21.16 -1.86
CA ASN C 185 12.03 22.23 -1.08
C ASN C 185 11.30 23.22 -2.00
N THR C 186 11.85 23.42 -3.21
CA THR C 186 11.17 24.27 -4.19
C THR C 186 9.82 23.63 -4.53
N HIS C 187 9.80 22.31 -4.78
CA HIS C 187 8.56 21.62 -5.10
C HIS C 187 7.57 21.74 -3.93
N LEU C 188 8.06 21.86 -2.70
CA LEU C 188 7.18 21.96 -1.52
C LEU C 188 6.65 23.38 -1.33
N GLY C 189 7.16 24.35 -2.12
CA GLY C 189 6.64 25.71 -2.11
C GLY C 189 7.30 26.63 -1.03
N ILE C 190 8.52 26.13 -0.61
CA ILE C 190 9.47 26.88 0.29
C ILE C 190 10.35 27.86 -0.53
N GLU C 191 10.70 28.98 0.11
CA GLU C 191 11.62 30.03 -0.34
C GLU C 191 12.97 29.39 -0.65
N GLN C 192 13.51 29.73 -1.84
CA GLN C 192 14.82 29.22 -2.25
C GLN C 192 15.91 29.97 -1.47
N SER C 193 16.93 29.25 -1.02
CA SER C 193 18.13 29.87 -0.45
C SER C 193 19.40 29.27 -1.09
N ARG C 194 20.54 29.43 -0.42
CA ARG C 194 21.83 29.08 -1.04
C ARG C 194 21.84 27.58 -1.29
N ARG C 195 21.25 26.82 -0.35
CA ARG C 195 21.21 25.33 -0.43
C ARG C 195 20.59 24.85 -1.74
N ASP C 196 19.57 25.57 -2.22
CA ASP C 196 18.79 25.18 -3.36
C ASP C 196 19.60 25.29 -4.67
N ASP C 197 20.39 26.34 -4.83
CA ASP C 197 21.27 26.47 -5.99
C ASP C 197 22.18 25.23 -6.09
N LEU C 198 22.71 24.79 -4.95
CA LEU C 198 23.66 23.70 -4.91
C LEU C 198 22.98 22.34 -5.18
N GLU C 199 21.75 22.12 -4.67
CA GLU C 199 21.02 20.88 -4.92
C GLU C 199 20.73 20.74 -6.42
N SER C 200 20.27 21.83 -7.02
CA SER C 200 20.02 21.88 -8.47
C SER C 200 21.31 21.52 -9.25
N LEU C 201 22.45 22.00 -8.78
CA LEU C 201 23.71 21.64 -9.44
C LEU C 201 23.93 20.13 -9.31
N GLY C 202 23.58 19.60 -8.15
CA GLY C 202 23.68 18.15 -7.89
C GLY C 202 22.93 17.33 -8.92
N TYR C 203 21.70 17.75 -9.22
CA TYR C 203 20.89 17.09 -10.23
C TYR C 203 21.51 17.32 -11.60
N VAL C 204 22.08 18.51 -11.86
CA VAL C 204 22.67 18.75 -13.19
C VAL C 204 23.85 17.75 -13.41
N LEU C 205 24.62 17.49 -12.34
CA LEU C 205 25.78 16.64 -12.43
C LEU C 205 25.36 15.18 -12.69
N MET C 206 24.28 14.74 -12.03
CA MET C 206 23.80 13.39 -12.26
C MET C 206 23.18 13.27 -13.66
N TYR C 207 22.58 14.37 -14.14
CA TYR C 207 22.08 14.45 -15.50
C TYR C 207 23.22 14.16 -16.48
N PHE C 208 24.40 14.80 -16.29
CA PHE C 208 25.52 14.61 -17.20
C PHE C 208 26.01 13.17 -17.12
N ASN C 209 25.97 12.58 -15.92
CA ASN C 209 26.43 11.17 -15.74
C ASN C 209 25.49 10.22 -16.49
N LEU C 210 24.15 10.44 -16.36
CA LEU C 210 23.15 9.45 -16.77
C LEU C 210 22.70 9.63 -18.23
N GLY C 211 22.70 10.87 -18.74
CA GLY C 211 22.11 11.17 -20.06
C GLY C 211 20.69 11.70 -19.96
N SER C 212 20.05 11.42 -18.82
CA SER C 212 18.74 11.95 -18.46
C SER C 212 18.54 11.77 -16.95
N LEU C 213 17.42 12.28 -16.44
CA LEU C 213 17.02 12.07 -15.06
C LEU C 213 15.72 11.25 -15.04
N PRO C 214 15.48 10.44 -13.98
CA PRO C 214 14.33 9.54 -13.93
C PRO C 214 12.97 10.24 -13.91
N TRP C 215 12.93 11.52 -13.55
CA TRP C 215 11.67 12.28 -13.49
C TRP C 215 11.50 13.09 -14.77
N GLN C 216 12.33 12.78 -15.77
CA GLN C 216 12.36 13.47 -17.05
C GLN C 216 11.38 12.76 -17.99
N GLY C 217 10.62 13.55 -18.75
CA GLY C 217 9.70 13.06 -19.78
C GLY C 217 8.52 12.30 -19.22
N LEU C 218 7.96 12.77 -18.10
CA LEU C 218 6.73 12.20 -17.52
C LEU C 218 5.51 12.83 -18.20
N LYS C 219 4.61 11.94 -18.65
CA LYS C 219 3.37 12.32 -19.32
C LYS C 219 2.39 12.88 -18.28
N ALA C 220 1.66 13.93 -18.71
CA ALA C 220 0.66 14.60 -17.92
C ALA C 220 -0.22 15.46 -18.84
N ALA C 221 -1.50 15.60 -18.47
CA ALA C 221 -2.49 16.27 -19.29
C ALA C 221 -2.22 17.78 -19.34
N THR C 222 -1.59 18.33 -18.30
CA THR C 222 -1.37 19.79 -18.16
C THR C 222 0.03 20.05 -17.58
N LYS C 223 0.33 21.33 -17.35
CA LYS C 223 1.61 21.77 -16.80
C LYS C 223 1.63 21.50 -15.28
N ARG C 224 0.69 22.10 -14.55
CA ARG C 224 0.56 21.95 -13.08
C ARG C 224 0.66 20.47 -12.68
N GLN C 225 0.07 19.62 -13.51
CA GLN C 225 -0.01 18.16 -13.31
C GLN C 225 1.36 17.52 -13.52
N LYS C 226 2.12 18.04 -14.49
CA LYS C 226 3.47 17.55 -14.82
C LYS C 226 4.42 17.84 -13.64
N TYR C 227 4.32 19.06 -13.10
CA TYR C 227 5.14 19.48 -11.96
C TYR C 227 4.81 18.62 -10.74
N GLU C 228 3.53 18.32 -10.52
CA GLU C 228 3.08 17.38 -9.48
C GLU C 228 3.81 16.04 -9.63
N ARG C 229 3.81 15.52 -10.85
CA ARG C 229 4.36 14.20 -11.12
C ARG C 229 5.89 14.24 -10.93
N ILE C 230 6.53 15.36 -11.30
CA ILE C 230 8.00 15.47 -11.20
C ILE C 230 8.38 15.48 -9.71
N SER C 231 7.73 16.34 -8.93
CA SER C 231 7.88 16.43 -7.49
C SER C 231 7.76 15.05 -6.84
N GLU C 232 6.70 14.30 -7.18
CA GLU C 232 6.40 13.04 -6.50
C GLU C 232 7.45 11.99 -6.90
N LYS C 233 7.89 12.02 -8.17
CA LYS C 233 8.90 11.11 -8.65
C LYS C 233 10.23 11.39 -7.93
N LYS C 234 10.59 12.68 -7.79
CA LYS C 234 11.82 13.08 -7.10
C LYS C 234 11.76 12.60 -5.65
N MET C 235 10.64 12.86 -4.99
CA MET C 235 10.49 12.57 -3.57
C MET C 235 10.40 11.06 -3.34
N SER C 236 10.11 10.27 -4.39
CA SER C 236 10.05 8.79 -4.24
C SER C 236 11.29 8.09 -4.82
N THR C 237 12.27 8.87 -5.33
CA THR C 237 13.54 8.33 -5.84
C THR C 237 14.65 8.58 -4.82
N PRO C 238 15.05 7.59 -4.00
CA PRO C 238 16.15 7.81 -3.05
C PRO C 238 17.44 8.21 -3.77
N ILE C 239 18.28 8.97 -3.07
CA ILE C 239 19.48 9.53 -3.62
C ILE C 239 20.43 8.39 -4.04
N GLU C 240 20.48 7.31 -3.23
CA GLU C 240 21.34 6.20 -3.58
C GLU C 240 20.83 5.48 -4.84
N VAL C 241 19.54 5.56 -5.14
CA VAL C 241 18.98 4.94 -6.34
C VAL C 241 19.31 5.82 -7.56
N LEU C 242 19.07 7.13 -7.44
CA LEU C 242 19.40 8.11 -8.50
C LEU C 242 20.86 7.89 -8.94
N CYS C 243 21.76 7.62 -7.98
CA CYS C 243 23.22 7.71 -8.17
C CYS C 243 23.88 6.33 -8.31
N LYS C 244 23.10 5.24 -8.32
CA LYS C 244 23.67 3.88 -8.33
C LYS C 244 24.60 3.70 -9.54
N GLY C 245 25.78 3.13 -9.29
CA GLY C 245 26.76 2.79 -10.30
C GLY C 245 27.62 3.99 -10.70
N TYR C 246 27.55 5.08 -9.91
CA TYR C 246 28.42 6.25 -10.06
C TYR C 246 29.18 6.44 -8.75
N PRO C 247 30.34 7.12 -8.75
CA PRO C 247 31.07 7.31 -7.50
C PRO C 247 30.15 7.88 -6.40
N SER C 248 30.36 7.42 -5.17
CA SER C 248 29.56 7.80 -4.04
C SER C 248 29.50 9.34 -3.89
N GLU C 249 30.53 10.04 -4.43
CA GLU C 249 30.66 11.46 -4.16
C GLU C 249 29.39 12.19 -4.58
N PHE C 250 28.79 11.76 -5.70
CA PHE C 250 27.61 12.42 -6.23
C PHE C 250 26.44 12.38 -5.24
N ALA C 251 26.36 11.29 -4.45
CA ALA C 251 25.30 11.06 -3.45
C ALA C 251 25.64 11.81 -2.16
N THR C 252 26.93 11.83 -1.80
CA THR C 252 27.39 12.52 -0.63
C THR C 252 27.07 14.01 -0.81
N TYR C 253 27.32 14.55 -2.03
CA TYR C 253 27.04 15.94 -2.41
C TYR C 253 25.54 16.28 -2.28
N LEU C 254 24.68 15.47 -2.88
CA LEU C 254 23.19 15.73 -2.81
C LEU C 254 22.67 15.61 -1.37
N ASN C 255 23.16 14.62 -0.62
CA ASN C 255 22.72 14.36 0.75
C ASN C 255 23.09 15.55 1.64
N PHE C 256 24.31 16.08 1.44
CA PHE C 256 24.77 17.26 2.17
C PHE C 256 23.88 18.45 1.84
N CYS C 257 23.55 18.62 0.55
CA CYS C 257 22.67 19.73 0.14
C CYS C 257 21.29 19.56 0.78
N ARG C 258 20.72 18.34 0.78
CA ARG C 258 19.39 18.14 1.33
CA ARG C 258 19.39 18.12 1.34
C ARG C 258 19.44 18.29 2.87
N SER C 259 20.61 18.16 3.48
CA SER C 259 20.77 18.34 4.98
C SER C 259 20.88 19.80 5.42
N LEU C 260 21.11 20.71 4.46
CA LEU C 260 21.38 22.10 4.78
C LEU C 260 20.11 22.73 5.33
N ARG C 261 20.27 23.60 6.32
CA ARG C 261 19.17 24.42 6.85
C ARG C 261 18.99 25.67 5.95
N PHE C 262 17.80 26.26 6.06
CA PHE C 262 17.41 27.36 5.24
C PHE C 262 18.52 28.42 5.15
N ASP C 263 19.06 28.86 6.30
CA ASP C 263 19.97 30.01 6.32
C ASP C 263 21.43 29.58 6.56
N ASP C 264 21.73 28.30 6.37
CA ASP C 264 23.11 27.82 6.50
C ASP C 264 23.94 28.35 5.31
N LYS C 265 25.16 28.78 5.64
CA LYS C 265 26.24 29.02 4.68
C LYS C 265 26.80 27.67 4.26
N PRO C 266 26.63 27.26 2.98
CA PRO C 266 27.14 25.98 2.53
C PRO C 266 28.66 25.93 2.64
N ASP C 267 29.20 24.76 2.99
CA ASP C 267 30.64 24.56 2.99
C ASP C 267 31.10 24.26 1.54
N TYR C 268 31.21 25.33 0.72
CA TYR C 268 31.61 25.19 -0.75
C TYR C 268 32.89 24.36 -0.83
N SER C 269 33.82 24.71 0.06
CA SER C 269 35.13 24.15 0.08
C SER C 269 35.03 22.63 0.25
N TYR C 270 34.19 22.21 1.20
CA TYR C 270 34.03 20.81 1.44
C TYR C 270 33.54 20.13 0.16
N LEU C 271 32.62 20.78 -0.57
CA LEU C 271 31.96 20.13 -1.72
C LEU C 271 32.97 19.99 -2.88
N ARG C 272 33.78 21.05 -3.12
CA ARG C 272 34.85 21.00 -4.17
C ARG C 272 35.90 19.92 -3.82
N GLN C 273 36.26 19.85 -2.54
CA GLN C 273 37.30 18.93 -2.06
C GLN C 273 36.83 17.48 -2.29
N LEU C 274 35.54 17.26 -2.11
CA LEU C 274 34.92 15.98 -2.36
C LEU C 274 35.27 15.53 -3.79
N PHE C 275 34.96 16.37 -4.76
CA PHE C 275 35.14 16.01 -6.18
C PHE C 275 36.62 16.01 -6.54
N ARG C 276 37.41 16.84 -5.86
CA ARG C 276 38.87 16.94 -6.05
C ARG C 276 39.57 15.64 -5.62
N ASN C 277 39.17 15.10 -4.47
CA ASN C 277 39.79 13.90 -3.97
C ASN C 277 39.53 12.75 -4.93
N LEU C 278 38.27 12.64 -5.38
CA LEU C 278 37.86 11.64 -6.36
C LEU C 278 38.65 11.79 -7.66
N PHE C 279 38.79 13.06 -8.10
CA PHE C 279 39.57 13.45 -9.28
C PHE C 279 40.97 12.81 -9.21
N HIS C 280 41.63 12.96 -8.06
CA HIS C 280 43.01 12.52 -7.83
C HIS C 280 43.09 10.98 -7.77
N ARG C 281 42.10 10.37 -7.10
CA ARG C 281 41.98 8.89 -6.96
C ARG C 281 41.82 8.22 -8.33
N GLN C 282 41.22 8.96 -9.29
CA GLN C 282 41.01 8.46 -10.65
C GLN C 282 42.26 8.72 -11.50
N GLY C 283 43.24 9.44 -10.94
CA GLY C 283 44.48 9.74 -11.64
C GLY C 283 44.29 10.72 -12.81
N PHE C 284 43.26 11.58 -12.74
CA PHE C 284 43.02 12.62 -13.74
C PHE C 284 43.97 13.81 -13.51
N SER C 285 44.22 14.58 -14.58
CA SER C 285 45.03 15.81 -14.49
C SER C 285 44.18 17.04 -14.84
N TYR C 286 44.36 18.11 -14.07
CA TYR C 286 43.66 19.36 -14.29
C TYR C 286 44.28 20.08 -15.49
N ASP C 287 44.22 19.41 -16.65
CA ASP C 287 44.44 20.00 -17.97
C ASP C 287 43.03 20.08 -18.57
N TYR C 288 42.55 21.27 -18.81
CA TYR C 288 41.17 21.51 -19.08
C TYR C 288 40.82 20.95 -20.46
N VAL C 289 41.11 19.65 -20.65
CA VAL C 289 40.79 18.94 -21.84
C VAL C 289 39.47 18.23 -21.58
N PHE C 290 38.39 18.87 -22.08
CA PHE C 290 37.03 18.37 -21.93
C PHE C 290 36.77 17.42 -23.10
N ASP C 291 35.74 16.57 -22.98
CA ASP C 291 35.45 15.57 -24.02
C ASP C 291 35.32 16.22 -25.40
N TRP C 292 34.83 17.45 -25.47
CA TRP C 292 34.59 18.09 -26.75
C TRP C 292 35.90 18.62 -27.36
N ASN C 293 36.96 18.76 -26.56
CA ASN C 293 38.26 19.19 -27.03
C ASN C 293 38.98 18.05 -27.77
N MET C 294 38.42 16.84 -27.75
CA MET C 294 39.11 15.69 -28.34
C MET C 294 38.46 15.27 -29.67
N LEU C 295 37.44 16.02 -30.11
CA LEU C 295 36.80 15.81 -31.41
C LEU C 295 37.74 16.30 -32.53
N LYS C 296 38.50 15.36 -33.13
CA LYS C 296 39.48 15.65 -34.20
C LYS C 296 38.75 15.77 -35.55
N LEU D 5 -51.16 -0.18 36.50
CA LEU D 5 -52.04 0.50 35.50
C LEU D 5 -52.84 -0.55 34.71
N ARG D 6 -54.07 -0.15 34.33
CA ARG D 6 -55.02 -0.93 33.54
C ARG D 6 -54.95 -0.51 32.06
N VAL D 7 -54.51 -1.44 31.21
CA VAL D 7 -54.25 -1.16 29.80
C VAL D 7 -55.25 -1.94 28.94
N GLY D 8 -55.75 -1.29 27.90
CA GLY D 8 -56.93 -1.73 27.23
C GLY D 8 -58.06 -1.83 28.23
N ASN D 9 -58.72 -2.98 28.22
CA ASN D 9 -59.77 -3.26 29.16
C ASN D 9 -59.30 -4.38 30.11
N ARG D 10 -58.54 -5.33 29.57
CA ARG D 10 -58.30 -6.64 30.17
C ARG D 10 -56.82 -6.88 30.50
N TYR D 11 -55.95 -5.91 30.26
CA TYR D 11 -54.48 -6.10 30.47
C TYR D 11 -54.04 -5.28 31.68
N ARG D 12 -53.31 -5.92 32.59
CA ARG D 12 -52.70 -5.24 33.71
C ARG D 12 -51.20 -5.11 33.45
N LEU D 13 -50.69 -3.88 33.57
CA LEU D 13 -49.30 -3.55 33.28
C LEU D 13 -48.46 -3.80 34.54
N GLY D 14 -47.46 -4.69 34.42
CA GLY D 14 -46.47 -4.98 35.48
C GLY D 14 -45.19 -4.15 35.33
N ARG D 15 -44.14 -4.59 36.01
CA ARG D 15 -42.82 -3.95 35.98
C ARG D 15 -42.17 -4.14 34.61
N LYS D 16 -41.02 -3.49 34.39
CA LYS D 16 -40.25 -3.61 33.16
C LYS D 16 -39.66 -5.03 33.05
N ILE D 17 -39.63 -5.55 31.81
CA ILE D 17 -38.83 -6.72 31.43
C ILE D 17 -37.38 -6.29 31.23
N GLY D 18 -37.18 -5.24 30.41
CA GLY D 18 -35.88 -4.61 30.21
C GLY D 18 -35.89 -3.64 29.03
N SER D 19 -34.81 -3.68 28.23
CA SER D 19 -34.51 -2.76 27.07
C SER D 19 -35.54 -1.63 26.95
N GLY D 23 -39.11 3.39 24.42
CA GLY D 23 -39.69 2.15 23.92
C GLY D 23 -39.33 0.95 24.79
N ASP D 24 -39.74 1.00 26.06
CA ASP D 24 -39.36 -0.06 27.02
C ASP D 24 -40.40 -1.19 26.93
N ILE D 25 -39.98 -2.35 27.41
CA ILE D 25 -40.72 -3.57 27.37
C ILE D 25 -41.12 -3.92 28.81
N TYR D 26 -42.41 -4.27 29.00
CA TYR D 26 -42.99 -4.54 30.33
C TYR D 26 -43.65 -5.93 30.36
N LEU D 27 -43.56 -6.60 31.52
CA LEU D 27 -44.40 -7.76 31.84
C LEU D 27 -45.82 -7.25 32.05
N GLY D 28 -46.80 -8.01 31.56
CA GLY D 28 -48.20 -7.74 31.84
C GLY D 28 -48.99 -9.02 32.04
N THR D 29 -50.25 -8.87 32.41
CA THR D 29 -51.14 -9.99 32.53
C THR D 29 -52.41 -9.68 31.76
N ASP D 30 -52.80 -10.64 30.93
CA ASP D 30 -54.15 -10.69 30.42
C ASP D 30 -55.04 -11.24 31.55
N ILE D 31 -55.57 -10.32 32.36
CA ILE D 31 -56.40 -10.60 33.52
C ILE D 31 -57.54 -11.57 33.15
N ALA D 32 -58.12 -11.36 31.97
CA ALA D 32 -59.28 -12.09 31.50
C ALA D 32 -58.97 -13.57 31.26
N ALA D 33 -57.83 -13.84 30.61
CA ALA D 33 -57.48 -15.19 30.08
C ALA D 33 -56.51 -15.94 31.01
N GLY D 34 -55.96 -15.24 32.00
CA GLY D 34 -54.94 -15.77 32.91
C GLY D 34 -53.65 -16.17 32.20
N GLU D 35 -53.09 -15.24 31.43
CA GLU D 35 -51.86 -15.46 30.66
C GLU D 35 -50.97 -14.23 30.79
N GLU D 36 -49.66 -14.46 30.92
CA GLU D 36 -48.70 -13.34 30.90
C GLU D 36 -48.60 -12.85 29.46
N VAL D 37 -48.29 -11.56 29.31
CA VAL D 37 -48.12 -10.88 28.02
C VAL D 37 -46.89 -9.97 28.09
N ALA D 38 -46.47 -9.45 26.95
CA ALA D 38 -45.38 -8.43 26.87
C ALA D 38 -45.96 -7.15 26.29
N ILE D 39 -45.61 -6.00 26.88
CA ILE D 39 -46.19 -4.72 26.46
C ILE D 39 -45.08 -3.75 26.07
N LYS D 40 -45.24 -3.11 24.91
CA LYS D 40 -44.32 -2.07 24.45
C LYS D 40 -45.08 -0.75 24.40
N LEU D 41 -44.59 0.23 25.16
CA LEU D 41 -45.13 1.59 25.16
C LEU D 41 -44.29 2.48 24.23
N GLU D 42 -44.95 3.35 23.46
CA GLU D 42 -44.35 4.44 22.69
C GLU D 42 -45.14 5.75 22.92
N CYS D 43 -44.42 6.79 23.35
CA CYS D 43 -44.94 8.12 23.59
C CYS D 43 -45.74 8.63 22.38
N VAL D 44 -46.80 9.37 22.67
CA VAL D 44 -47.89 9.71 21.78
C VAL D 44 -47.38 10.61 20.63
N LYS D 45 -46.43 11.51 20.95
CA LYS D 45 -45.76 12.37 19.97
C LYS D 45 -44.33 11.83 19.72
N THR D 46 -44.01 11.60 18.44
CA THR D 46 -42.65 11.26 18.02
C THR D 46 -42.48 11.75 16.57
N LYS D 47 -41.31 12.34 16.25
CA LYS D 47 -40.92 12.66 14.86
C LYS D 47 -40.21 11.46 14.24
N HIS D 48 -40.42 10.28 14.85
CA HIS D 48 -40.11 8.96 14.29
C HIS D 48 -41.08 7.93 14.86
N PRO D 49 -42.41 8.01 14.57
CA PRO D 49 -43.38 7.03 15.06
C PRO D 49 -43.08 5.61 14.51
N GLN D 50 -42.92 4.63 15.42
CA GLN D 50 -42.45 3.30 15.03
C GLN D 50 -43.55 2.27 15.32
N LEU D 51 -44.02 2.22 16.56
CA LEU D 51 -44.79 1.10 17.08
C LEU D 51 -45.95 0.76 16.14
N HIS D 52 -46.77 1.77 15.80
CA HIS D 52 -48.03 1.54 15.10
C HIS D 52 -47.73 1.08 13.67
N ILE D 53 -46.63 1.56 13.09
CA ILE D 53 -46.17 1.10 11.79
C ILE D 53 -45.62 -0.33 11.91
N GLU D 54 -44.78 -0.56 12.90
CA GLU D 54 -44.25 -1.90 13.24
C GLU D 54 -45.42 -2.87 13.51
N SER D 55 -46.46 -2.40 14.23
CA SER D 55 -47.61 -3.26 14.56
C SER D 55 -48.35 -3.66 13.29
N LYS D 56 -48.42 -2.77 12.30
CA LYS D 56 -49.03 -3.09 10.99
C LYS D 56 -48.32 -4.31 10.36
N ILE D 57 -47.00 -4.35 10.45
CA ILE D 57 -46.22 -5.41 9.81
C ILE D 57 -46.44 -6.72 10.57
N TYR D 58 -46.38 -6.66 11.91
CA TYR D 58 -46.65 -7.85 12.75
C TYR D 58 -48.02 -8.45 12.40
N LYS D 59 -49.02 -7.59 12.13
CA LYS D 59 -50.39 -8.00 11.77
C LYS D 59 -50.39 -8.76 10.43
N MET D 60 -49.57 -8.30 9.46
CA MET D 60 -49.46 -8.94 8.14
C MET D 60 -48.70 -10.27 8.23
N MET D 61 -47.87 -10.46 9.27
CA MET D 61 -47.09 -11.69 9.47
C MET D 61 -47.89 -12.73 10.27
N GLN D 62 -48.95 -12.30 11.00
CA GLN D 62 -49.71 -13.17 11.91
C GLN D 62 -50.07 -14.46 11.18
N GLY D 63 -50.03 -15.59 11.91
CA GLY D 63 -50.39 -16.90 11.37
C GLY D 63 -49.16 -17.71 11.02
N GLY D 64 -48.05 -17.03 10.70
CA GLY D 64 -46.81 -17.66 10.37
C GLY D 64 -46.26 -18.40 11.56
N VAL D 65 -45.63 -19.54 11.30
CA VAL D 65 -44.88 -20.23 12.30
C VAL D 65 -43.82 -19.27 12.87
N GLY D 66 -43.80 -19.11 14.21
CA GLY D 66 -42.72 -18.38 14.90
C GLY D 66 -42.82 -16.87 14.72
N ILE D 67 -44.02 -16.39 14.46
CA ILE D 67 -44.36 -15.00 14.50
C ILE D 67 -45.16 -14.77 15.78
N PRO D 68 -44.74 -13.83 16.66
CA PRO D 68 -45.46 -13.62 17.90
C PRO D 68 -46.88 -13.11 17.59
N THR D 69 -47.85 -13.54 18.37
CA THR D 69 -49.27 -13.16 18.26
C THR D 69 -49.53 -11.79 18.91
N ILE D 70 -50.07 -10.85 18.15
CA ILE D 70 -50.61 -9.56 18.69
C ILE D 70 -51.87 -9.84 19.50
N ARG D 71 -51.91 -9.40 20.76
CA ARG D 71 -53.13 -9.51 21.58
C ARG D 71 -54.02 -8.28 21.38
N TRP D 72 -53.40 -7.10 21.35
CA TRP D 72 -54.09 -5.82 21.40
C TRP D 72 -53.14 -4.70 20.97
N CYS D 73 -53.67 -3.77 20.16
CA CYS D 73 -53.03 -2.49 19.85
C CYS D 73 -54.03 -1.35 20.09
N GLY D 74 -53.52 -0.24 20.65
CA GLY D 74 -54.35 0.92 21.03
C GLY D 74 -53.52 1.94 21.78
N ALA D 75 -54.17 3.00 22.26
CA ALA D 75 -53.51 4.09 22.95
C ALA D 75 -54.07 4.21 24.37
N GLU D 76 -53.18 4.45 25.33
CA GLU D 76 -53.52 4.63 26.74
C GLU D 76 -52.69 5.78 27.32
N GLY D 77 -53.35 6.86 27.71
CA GLY D 77 -52.71 8.02 28.29
C GLY D 77 -51.73 8.64 27.31
N ASP D 78 -50.48 8.75 27.74
CA ASP D 78 -49.44 9.45 26.99
C ASP D 78 -48.88 8.56 25.86
N TYR D 79 -49.33 7.31 25.78
CA TYR D 79 -48.61 6.25 25.07
C TYR D 79 -49.48 5.62 23.98
N ASN D 80 -48.82 5.20 22.90
CA ASN D 80 -49.29 4.13 22.05
C ASN D 80 -48.79 2.81 22.66
N VAL D 81 -49.58 1.75 22.51
CA VAL D 81 -49.39 0.48 23.25
C VAL D 81 -49.54 -0.70 22.28
N MET D 82 -48.64 -1.68 22.41
CA MET D 82 -48.79 -2.98 21.78
C MET D 82 -48.64 -4.07 22.84
N VAL D 83 -49.56 -5.05 22.81
CA VAL D 83 -49.52 -6.23 23.67
C VAL D 83 -49.36 -7.50 22.82
N MET D 84 -48.37 -8.31 23.19
CA MET D 84 -48.02 -9.58 22.54
C MET D 84 -48.07 -10.72 23.55
N GLU D 85 -48.43 -11.93 23.10
CA GLU D 85 -48.20 -13.14 23.93
C GLU D 85 -46.76 -13.06 24.43
N LEU D 86 -46.53 -13.53 25.66
CA LEU D 86 -45.21 -13.55 26.25
C LEU D 86 -44.35 -14.59 25.54
N LEU D 87 -43.07 -14.26 25.35
CA LEU D 87 -42.13 -15.21 24.85
C LEU D 87 -40.99 -15.31 25.85
N GLY D 88 -40.14 -16.31 25.58
CA GLY D 88 -38.99 -16.63 26.39
C GLY D 88 -37.72 -15.96 25.87
N PRO D 89 -36.54 -16.38 26.35
CA PRO D 89 -35.33 -15.57 26.22
C PRO D 89 -34.82 -15.58 24.77
N SER D 90 -34.01 -14.58 24.44
CA SER D 90 -33.40 -14.43 23.15
C SER D 90 -32.28 -15.47 22.98
N LEU D 91 -31.85 -15.65 21.72
CA LEU D 91 -30.71 -16.49 21.42
C LEU D 91 -29.44 -15.86 22.01
N GLU D 92 -29.37 -14.52 22.06
CA GLU D 92 -28.25 -13.88 22.77
C GLU D 92 -28.27 -14.27 24.25
N ASP D 93 -29.45 -14.21 24.89
CA ASP D 93 -29.58 -14.49 26.32
C ASP D 93 -29.24 -15.96 26.55
N LEU D 94 -29.75 -16.85 25.70
CA LEU D 94 -29.47 -18.27 25.87
C LEU D 94 -27.98 -18.57 25.62
N PHE D 95 -27.40 -17.93 24.59
CA PHE D 95 -25.94 -18.09 24.27
C PHE D 95 -25.05 -17.69 25.48
N ASN D 96 -25.38 -16.54 26.09
CA ASN D 96 -24.68 -16.03 27.30
C ASN D 96 -24.87 -17.04 28.43
N PHE D 97 -26.10 -17.49 28.62
CA PHE D 97 -26.42 -18.43 29.68
C PHE D 97 -25.65 -19.75 29.48
N CYS D 98 -25.30 -20.09 28.23
CA CYS D 98 -24.58 -21.35 27.89
C CYS D 98 -23.06 -21.12 27.77
N SER D 99 -22.56 -20.00 28.31
CA SER D 99 -21.11 -19.68 28.31
C SER D 99 -20.59 -19.41 26.89
N ARG D 100 -21.47 -18.99 25.99
CA ARG D 100 -21.12 -18.52 24.66
C ARG D 100 -20.48 -19.66 23.86
N LYS D 101 -21.00 -20.87 24.08
CA LYS D 101 -20.64 -22.07 23.35
C LYS D 101 -21.92 -22.85 23.05
N PHE D 102 -22.26 -23.00 21.77
CA PHE D 102 -23.33 -23.88 21.29
C PHE D 102 -22.72 -25.06 20.52
N SER D 103 -23.28 -26.27 20.73
CA SER D 103 -22.90 -27.50 20.03
C SER D 103 -23.33 -27.42 18.57
N LEU D 104 -22.76 -28.27 17.72
CA LEU D 104 -23.08 -28.23 16.31
C LEU D 104 -24.58 -28.51 16.12
N LYS D 105 -25.09 -29.48 16.88
CA LYS D 105 -26.46 -29.91 16.81
C LYS D 105 -27.40 -28.74 17.08
N THR D 106 -27.13 -27.98 18.13
CA THR D 106 -27.93 -26.83 18.46
C THR D 106 -27.88 -25.81 17.31
N VAL D 107 -26.67 -25.49 16.83
CA VAL D 107 -26.55 -24.52 15.73
C VAL D 107 -27.35 -25.01 14.54
N LEU D 108 -27.33 -26.32 14.25
CA LEU D 108 -27.99 -26.82 13.02
C LEU D 108 -29.51 -26.80 13.23
N LEU D 109 -29.98 -27.04 14.48
CA LEU D 109 -31.43 -26.99 14.81
C LEU D 109 -31.92 -25.56 14.61
N LEU D 110 -31.15 -24.59 15.10
CA LEU D 110 -31.46 -23.17 15.01
C LEU D 110 -31.46 -22.71 13.53
N ALA D 111 -30.38 -23.04 12.82
CA ALA D 111 -30.22 -22.69 11.44
C ALA D 111 -31.47 -23.06 10.63
N ASP D 112 -31.98 -24.28 10.83
CA ASP D 112 -33.07 -24.76 10.01
C ASP D 112 -34.28 -23.86 10.20
N GLN D 113 -34.61 -23.53 11.45
CA GLN D 113 -35.80 -22.75 11.74
C GLN D 113 -35.59 -21.30 11.26
N MET D 114 -34.38 -20.77 11.49
CA MET D 114 -34.08 -19.38 11.24
C MET D 114 -34.13 -19.07 9.73
N ILE D 115 -33.67 -20.01 8.90
CA ILE D 115 -33.79 -19.88 7.45
C ILE D 115 -35.29 -19.75 7.11
N SER D 116 -36.11 -20.59 7.73
CA SER D 116 -37.60 -20.64 7.51
C SER D 116 -38.30 -19.35 7.95
N ARG D 117 -37.84 -18.70 9.02
CA ARG D 117 -38.45 -17.48 9.49
C ARG D 117 -38.22 -16.36 8.47
N ILE D 118 -36.96 -16.25 8.01
CA ILE D 118 -36.54 -15.27 7.07
C ILE D 118 -37.27 -15.50 5.76
N GLU D 119 -37.37 -16.78 5.34
CA GLU D 119 -38.08 -17.13 4.09
C GLU D 119 -39.56 -16.69 4.19
N TYR D 120 -40.17 -16.90 5.36
CA TYR D 120 -41.55 -16.50 5.53
C TYR D 120 -41.66 -14.97 5.36
N ILE D 121 -40.79 -14.21 6.04
CA ILE D 121 -40.88 -12.75 6.01
C ILE D 121 -40.78 -12.30 4.55
N HIS D 122 -39.89 -12.93 3.76
CA HIS D 122 -39.69 -12.56 2.33
C HIS D 122 -40.94 -12.92 1.52
N SER D 123 -41.60 -14.01 1.90
CA SER D 123 -42.87 -14.41 1.28
C SER D 123 -43.94 -13.34 1.49
N LYS D 124 -43.77 -12.49 2.50
CA LYS D 124 -44.73 -11.45 2.82
C LYS D 124 -44.29 -10.12 2.21
N ASN D 125 -43.24 -10.14 1.40
CA ASN D 125 -42.85 -8.98 0.61
C ASN D 125 -41.98 -8.03 1.45
N PHE D 126 -41.44 -8.54 2.55
CA PHE D 126 -40.61 -7.73 3.41
C PHE D 126 -39.20 -8.34 3.50
N ILE D 127 -38.23 -7.49 3.84
CA ILE D 127 -36.95 -7.92 4.38
C ILE D 127 -36.81 -7.29 5.76
N HIS D 128 -36.08 -8.00 6.64
CA HIS D 128 -36.03 -7.71 8.06
C HIS D 128 -35.02 -6.60 8.38
N ARG D 129 -33.75 -6.83 7.97
CA ARG D 129 -32.64 -5.85 7.98
C ARG D 129 -32.02 -5.72 9.36
N ASP D 130 -32.39 -6.57 10.32
CA ASP D 130 -31.74 -6.56 11.69
C ASP D 130 -31.69 -7.99 12.20
N VAL D 131 -31.11 -8.86 11.36
CA VAL D 131 -30.88 -10.22 11.69
C VAL D 131 -29.69 -10.30 12.67
N LYS D 132 -30.01 -10.68 13.92
CA LYS D 132 -29.06 -10.77 15.00
C LYS D 132 -29.62 -11.62 16.14
N PRO D 133 -28.75 -12.19 17.00
CA PRO D 133 -29.20 -13.10 18.04
C PRO D 133 -30.30 -12.52 18.96
N ASP D 134 -30.30 -11.20 19.17
CA ASP D 134 -31.29 -10.55 20.10
C ASP D 134 -32.71 -10.59 19.52
N ASN D 135 -32.83 -10.78 18.21
CA ASN D 135 -34.10 -10.59 17.54
C ASN D 135 -34.72 -11.94 17.19
N PHE D 136 -34.22 -13.02 17.81
CA PHE D 136 -34.85 -14.32 17.79
C PHE D 136 -35.11 -14.78 19.24
N LEU D 137 -36.35 -15.18 19.55
CA LEU D 137 -36.76 -15.56 20.93
C LEU D 137 -37.32 -16.98 20.88
N MET D 138 -36.96 -17.82 21.86
CA MET D 138 -37.60 -19.11 22.01
C MET D 138 -38.98 -18.87 22.63
N GLY D 139 -39.92 -19.76 22.33
CA GLY D 139 -41.24 -19.77 22.93
C GLY D 139 -41.16 -20.30 24.35
N LEU D 140 -42.31 -20.29 25.01
CA LEU D 140 -42.54 -20.86 26.35
C LEU D 140 -43.54 -22.00 26.23
N GLY D 141 -43.50 -22.93 27.19
CA GLY D 141 -44.55 -23.96 27.35
C GLY D 141 -44.52 -24.95 26.20
N LYS D 142 -45.68 -25.12 25.55
CA LYS D 142 -45.84 -26.00 24.41
C LYS D 142 -45.08 -25.45 23.18
N LYS D 143 -44.68 -24.17 23.20
CA LYS D 143 -44.01 -23.52 22.08
C LYS D 143 -42.49 -23.38 22.32
N GLY D 144 -41.95 -24.16 23.28
CA GLY D 144 -40.57 -24.03 23.75
C GLY D 144 -39.50 -24.55 22.78
N ASN D 145 -39.92 -25.30 21.75
CA ASN D 145 -38.99 -25.79 20.73
C ASN D 145 -39.03 -24.86 19.50
N LEU D 146 -39.79 -23.77 19.59
CA LEU D 146 -40.04 -22.90 18.48
C LEU D 146 -39.20 -21.62 18.61
N VAL D 147 -38.44 -21.32 17.53
CA VAL D 147 -37.71 -20.08 17.32
C VAL D 147 -38.70 -19.08 16.71
N TYR D 148 -38.86 -17.94 17.38
CA TYR D 148 -39.68 -16.81 16.90
C TYR D 148 -38.75 -15.67 16.45
N ILE D 149 -39.26 -14.81 15.56
CA ILE D 149 -38.49 -13.61 15.17
C ILE D 149 -39.29 -12.38 15.55
N ILE D 150 -38.59 -11.33 15.98
CA ILE D 150 -39.17 -10.10 16.49
C ILE D 150 -38.46 -8.89 15.87
N ASP D 151 -38.96 -7.69 16.20
CA ASP D 151 -38.38 -6.42 15.85
C ASP D 151 -38.47 -6.20 14.34
N PHE D 152 -39.52 -5.50 13.94
CA PHE D 152 -39.75 -5.12 12.58
C PHE D 152 -39.60 -3.61 12.41
N GLY D 153 -38.86 -2.98 13.32
CA GLY D 153 -38.67 -1.55 13.32
C GLY D 153 -37.73 -1.06 12.22
N LEU D 154 -36.93 -1.95 11.59
CA LEU D 154 -36.03 -1.59 10.49
C LEU D 154 -36.47 -2.22 9.17
N ALA D 155 -37.66 -2.84 9.14
CA ALA D 155 -38.13 -3.61 7.97
C ALA D 155 -38.59 -2.66 6.87
N LYS D 156 -38.61 -3.16 5.64
CA LYS D 156 -39.06 -2.44 4.48
C LYS D 156 -39.60 -3.43 3.45
N LYS D 157 -40.64 -3.03 2.70
CA LYS D 157 -41.10 -3.79 1.53
C LYS D 157 -40.01 -3.76 0.42
N TYR D 158 -39.65 -4.93 -0.09
CA TYR D 158 -38.63 -5.08 -1.14
C TYR D 158 -39.30 -5.33 -2.51
N ARG D 159 -40.63 -5.58 -2.52
CA ARG D 159 -41.45 -5.72 -3.77
C ARG D 159 -42.91 -5.37 -3.46
N HIS D 166 -39.59 -5.66 -7.61
CA HIS D 166 -38.44 -5.43 -6.75
C HIS D 166 -38.17 -3.91 -6.67
N ILE D 167 -37.73 -3.46 -5.48
CA ILE D 167 -37.24 -2.08 -5.24
C ILE D 167 -36.00 -1.83 -6.09
N PRO D 168 -35.66 -0.56 -6.42
CA PRO D 168 -34.48 -0.25 -7.23
C PRO D 168 -33.16 -0.47 -6.48
N TYR D 169 -32.12 -0.92 -7.20
CA TYR D 169 -30.71 -0.86 -6.78
C TYR D 169 -30.32 0.59 -6.43
N ARG D 170 -30.06 0.83 -5.15
CA ARG D 170 -29.66 2.16 -4.64
C ARG D 170 -28.38 2.01 -3.84
N GLU D 171 -27.66 3.11 -3.61
CA GLU D 171 -26.39 3.12 -2.84
C GLU D 171 -26.26 4.35 -1.94
N ASN D 172 -27.38 5.05 -1.68
CA ASN D 172 -27.34 6.42 -1.10
C ASN D 172 -27.93 6.41 0.32
N LYS D 173 -27.60 5.36 1.08
CA LYS D 173 -28.11 5.13 2.46
C LYS D 173 -26.96 5.35 3.46
N ASN D 174 -27.28 5.31 4.77
CA ASN D 174 -26.30 5.05 5.85
C ASN D 174 -26.44 3.57 6.25
N LEU D 175 -25.62 3.12 7.22
CA LEU D 175 -25.69 1.75 7.75
C LEU D 175 -26.78 1.68 8.82
N THR D 176 -27.92 1.06 8.45
CA THR D 176 -29.06 0.83 9.32
C THR D 176 -29.04 -0.62 9.84
N GLY D 177 -28.78 -0.76 11.15
CA GLY D 177 -28.86 -2.02 11.83
C GLY D 177 -27.63 -2.25 12.68
N THR D 178 -27.32 -3.53 12.91
CA THR D 178 -26.23 -3.94 13.79
C THR D 178 -25.00 -4.31 12.94
N ALA D 179 -23.91 -3.55 13.14
CA ALA D 179 -22.71 -3.58 12.29
C ALA D 179 -22.07 -4.98 12.29
N ARG D 180 -22.17 -5.66 13.44
CA ARG D 180 -21.49 -6.93 13.63
C ARG D 180 -21.99 -7.97 12.61
N TYR D 181 -23.27 -7.93 12.26
CA TYR D 181 -23.88 -8.97 11.40
C TYR D 181 -24.18 -8.41 10.00
N ALA D 182 -23.88 -7.14 9.76
CA ALA D 182 -24.19 -6.49 8.44
C ALA D 182 -23.43 -7.19 7.31
N SER D 183 -24.08 -7.23 6.13
CA SER D 183 -23.50 -7.74 4.92
C SER D 183 -22.42 -6.77 4.40
N ILE D 184 -21.54 -7.33 3.58
CA ILE D 184 -20.51 -6.57 2.97
C ILE D 184 -21.12 -5.47 2.10
N ASN D 185 -22.20 -5.82 1.39
CA ASN D 185 -22.90 -4.88 0.52
C ASN D 185 -23.49 -3.74 1.37
N THR D 186 -23.95 -4.06 2.58
CA THR D 186 -24.43 -3.04 3.50
C THR D 186 -23.27 -2.07 3.81
N HIS D 187 -22.10 -2.61 4.13
CA HIS D 187 -20.95 -1.80 4.43
C HIS D 187 -20.56 -0.93 3.22
N LEU D 188 -20.85 -1.39 1.99
CA LEU D 188 -20.52 -0.63 0.78
C LEU D 188 -21.56 0.46 0.50
N GLY D 189 -22.68 0.47 1.24
CA GLY D 189 -23.66 1.53 1.15
C GLY D 189 -24.77 1.27 0.10
N ILE D 190 -24.85 -0.06 -0.26
CA ILE D 190 -25.92 -0.65 -1.14
C ILE D 190 -27.21 -0.96 -0.35
N GLU D 191 -28.33 -0.82 -1.06
CA GLU D 191 -29.70 -1.17 -0.65
C GLU D 191 -29.74 -2.65 -0.26
N GLN D 192 -30.32 -2.92 0.91
CA GLN D 192 -30.44 -4.31 1.39
C GLN D 192 -31.55 -5.02 0.59
N SER D 193 -31.30 -6.29 0.24
CA SER D 193 -32.36 -7.13 -0.32
C SER D 193 -32.40 -8.48 0.40
N ARG D 194 -33.04 -9.48 -0.24
CA ARG D 194 -33.32 -10.76 0.45
C ARG D 194 -31.97 -11.42 0.78
N ARG D 195 -30.99 -11.26 -0.12
CA ARG D 195 -29.64 -11.88 0.05
C ARG D 195 -28.98 -11.44 1.36
N ASP D 196 -29.20 -10.20 1.76
CA ASP D 196 -28.54 -9.58 2.89
C ASP D 196 -29.06 -10.17 4.23
N ASP D 197 -30.35 -10.43 4.33
CA ASP D 197 -30.91 -11.09 5.50
C ASP D 197 -30.23 -12.44 5.72
N LEU D 198 -30.00 -13.16 4.62
CA LEU D 198 -29.44 -14.50 4.70
C LEU D 198 -27.93 -14.45 5.04
N GLU D 199 -27.18 -13.48 4.49
CA GLU D 199 -25.74 -13.34 4.79
C GLU D 199 -25.56 -13.06 6.28
N SER D 200 -26.35 -12.13 6.79
CA SER D 200 -26.35 -11.79 8.23
C SER D 200 -26.62 -13.04 9.08
N LEU D 201 -27.54 -13.90 8.63
CA LEU D 201 -27.78 -15.15 9.36
C LEU D 201 -26.51 -15.99 9.35
N GLY D 202 -25.82 -16.00 8.19
CA GLY D 202 -24.56 -16.72 8.04
C GLY D 202 -23.54 -16.34 9.09
N TYR D 203 -23.39 -15.03 9.29
CA TYR D 203 -22.50 -14.51 10.32
C TYR D 203 -23.04 -14.90 11.70
N VAL D 204 -24.35 -14.85 11.92
CA VAL D 204 -24.88 -15.22 13.25
C VAL D 204 -24.51 -16.70 13.57
N LEU D 205 -24.56 -17.57 12.56
CA LEU D 205 -24.33 -18.98 12.76
C LEU D 205 -22.83 -19.23 13.08
N MET D 206 -21.94 -18.49 12.40
CA MET D 206 -20.52 -18.64 12.70
C MET D 206 -20.21 -18.03 14.07
N TYR D 207 -20.95 -16.99 14.46
CA TYR D 207 -20.86 -16.41 15.79
C TYR D 207 -21.13 -17.49 16.84
N PHE D 208 -22.21 -18.28 16.64
CA PHE D 208 -22.56 -19.33 17.60
C PHE D 208 -21.48 -20.41 17.62
N ASN D 209 -20.88 -20.69 16.47
CA ASN D 209 -19.83 -21.72 16.38
C ASN D 209 -18.58 -21.25 17.16
N LEU D 210 -18.20 -19.96 16.97
CA LEU D 210 -16.86 -19.46 17.38
C LEU D 210 -16.89 -18.89 18.81
N GLY D 211 -18.02 -18.31 19.25
CA GLY D 211 -18.07 -17.57 20.52
C GLY D 211 -17.94 -16.07 20.32
N SER D 212 -17.32 -15.67 19.20
CA SER D 212 -17.27 -14.27 18.76
C SER D 212 -16.95 -14.25 17.25
N LEU D 213 -16.91 -13.05 16.66
CA LEU D 213 -16.48 -12.88 15.27
C LEU D 213 -15.21 -12.03 15.26
N PRO D 214 -14.32 -12.21 14.24
CA PRO D 214 -13.00 -11.57 14.23
C PRO D 214 -13.04 -10.04 14.12
N TRP D 215 -14.16 -9.49 13.67
CA TRP D 215 -14.32 -8.05 13.52
C TRP D 215 -15.03 -7.46 14.75
N GLN D 216 -15.17 -8.29 15.78
CA GLN D 216 -15.86 -7.95 17.00
C GLN D 216 -14.87 -7.30 17.98
N GLY D 217 -15.34 -6.24 18.65
CA GLY D 217 -14.61 -5.57 19.71
C GLY D 217 -13.41 -4.81 19.20
N LEU D 218 -13.52 -4.17 18.03
CA LEU D 218 -12.48 -3.29 17.47
C LEU D 218 -12.64 -1.88 18.07
N LYS D 219 -11.55 -1.38 18.64
CA LYS D 219 -11.56 -0.08 19.30
C LYS D 219 -11.47 1.00 18.22
N ALA D 220 -12.18 2.11 18.46
CA ALA D 220 -12.22 3.26 17.58
C ALA D 220 -12.72 4.49 18.36
N ALA D 221 -12.22 5.67 17.96
CA ALA D 221 -12.48 6.92 18.66
C ALA D 221 -13.96 7.35 18.53
N THR D 222 -14.62 6.93 17.44
CA THR D 222 -15.99 7.36 17.13
C THR D 222 -16.78 6.19 16.54
N LYS D 223 -18.03 6.46 16.15
CA LYS D 223 -18.92 5.45 15.59
C LYS D 223 -18.55 5.19 14.12
N ARG D 224 -18.60 6.23 13.28
CA ARG D 224 -18.28 6.13 11.84
C ARG D 224 -16.96 5.38 11.63
N GLN D 225 -16.01 5.61 12.55
CA GLN D 225 -14.65 5.03 12.51
C GLN D 225 -14.71 3.54 12.84
N LYS D 226 -15.58 3.16 13.78
CA LYS D 226 -15.75 1.75 14.21
C LYS D 226 -16.31 0.93 13.05
N TYR D 227 -17.32 1.50 12.36
CA TYR D 227 -17.97 0.86 11.23
C TYR D 227 -16.97 0.67 10.09
N GLU D 228 -16.12 1.69 9.85
CA GLU D 228 -15.02 1.61 8.89
C GLU D 228 -14.15 0.40 9.20
N ARG D 229 -13.75 0.27 10.47
CA ARG D 229 -12.82 -0.76 10.88
C ARG D 229 -13.48 -2.13 10.72
N ILE D 230 -14.78 -2.22 11.03
CA ILE D 230 -15.49 -3.52 10.95
C ILE D 230 -15.57 -3.96 9.48
N SER D 231 -16.05 -3.06 8.62
CA SER D 231 -16.10 -3.26 7.19
C SER D 231 -14.76 -3.77 6.63
N GLU D 232 -13.65 -3.12 6.99
CA GLU D 232 -12.33 -3.43 6.42
C GLU D 232 -11.87 -4.81 6.93
N LYS D 233 -12.15 -5.08 8.20
CA LYS D 233 -11.81 -6.38 8.79
C LYS D 233 -12.62 -7.50 8.10
N LYS D 234 -13.92 -7.28 7.87
CA LYS D 234 -14.78 -8.25 7.20
C LYS D 234 -14.27 -8.50 5.79
N MET D 235 -13.97 -7.41 5.08
CA MET D 235 -13.61 -7.51 3.67
C MET D 235 -12.19 -8.06 3.52
N SER D 236 -11.40 -8.09 4.61
CA SER D 236 -10.04 -8.69 4.54
C SER D 236 -10.00 -10.10 5.19
N THR D 237 -11.15 -10.59 5.69
CA THR D 237 -11.25 -11.95 6.28
C THR D 237 -11.92 -12.90 5.27
N PRO D 238 -11.17 -13.75 4.54
CA PRO D 238 -11.79 -14.68 3.61
C PRO D 238 -12.77 -15.63 4.33
N ILE D 239 -13.79 -16.10 3.61
CA ILE D 239 -14.81 -16.95 4.15
C ILE D 239 -14.19 -18.27 4.65
N GLU D 240 -13.20 -18.80 3.92
CA GLU D 240 -12.56 -20.05 4.35
C GLU D 240 -11.76 -19.81 5.64
N VAL D 241 -11.30 -18.58 5.89
CA VAL D 241 -10.55 -18.28 7.10
C VAL D 241 -11.53 -18.13 8.28
N LEU D 242 -12.62 -17.38 8.08
CA LEU D 242 -13.67 -17.20 9.09
C LEU D 242 -14.13 -18.58 9.58
N CYS D 243 -14.23 -19.54 8.65
CA CYS D 243 -14.96 -20.82 8.89
C CYS D 243 -14.01 -22.00 9.13
N LYS D 244 -12.69 -21.76 9.19
CA LYS D 244 -11.70 -22.84 9.37
C LYS D 244 -12.03 -23.67 10.62
N GLY D 245 -12.04 -25.00 10.44
CA GLY D 245 -12.22 -25.96 11.51
C GLY D 245 -13.69 -26.19 11.82
N TYR D 246 -14.59 -25.72 10.94
CA TYR D 246 -16.02 -25.97 11.05
C TYR D 246 -16.48 -26.64 9.76
N PRO D 247 -17.56 -27.45 9.77
CA PRO D 247 -18.01 -28.13 8.56
C PRO D 247 -18.11 -27.15 7.37
N SER D 248 -17.73 -27.64 6.19
CA SER D 248 -17.67 -26.80 5.00
C SER D 248 -19.02 -26.10 4.76
N GLU D 249 -20.13 -26.69 5.26
CA GLU D 249 -21.45 -26.19 4.93
C GLU D 249 -21.57 -24.70 5.29
N PHE D 250 -20.97 -24.29 6.41
CA PHE D 250 -21.04 -22.91 6.85
C PHE D 250 -20.44 -21.93 5.83
N ALA D 251 -19.40 -22.40 5.12
CA ALA D 251 -18.68 -21.60 4.10
C ALA D 251 -19.45 -21.65 2.77
N THR D 252 -20.04 -22.81 2.46
CA THR D 252 -20.81 -22.99 1.28
C THR D 252 -22.01 -22.04 1.36
N TYR D 253 -22.64 -21.97 2.55
CA TYR D 253 -23.80 -21.08 2.85
C TYR D 253 -23.43 -19.61 2.63
N LEU D 254 -22.33 -19.15 3.25
CA LEU D 254 -21.91 -17.70 3.11
C LEU D 254 -21.53 -17.37 1.66
N ASN D 255 -20.83 -18.28 0.98
CA ASN D 255 -20.36 -18.08 -0.37
C ASN D 255 -21.56 -17.94 -1.32
N PHE D 256 -22.56 -18.80 -1.13
CA PHE D 256 -23.79 -18.74 -1.89
C PHE D 256 -24.49 -17.40 -1.64
N CYS D 257 -24.54 -16.97 -0.38
CA CYS D 257 -25.16 -15.67 -0.06
C CYS D 257 -24.41 -14.53 -0.74
N ARG D 258 -23.07 -14.55 -0.70
CA ARG D 258 -22.27 -13.47 -1.29
CA ARG D 258 -22.32 -13.45 -1.29
C ARG D 258 -22.38 -13.53 -2.83
N SER D 259 -22.75 -14.69 -3.38
CA SER D 259 -22.91 -14.86 -4.87
C SER D 259 -24.25 -14.31 -5.41
N LEU D 260 -25.22 -14.12 -4.52
CA LEU D 260 -26.57 -13.79 -4.90
C LEU D 260 -26.59 -12.40 -5.53
N ARG D 261 -27.41 -12.22 -6.55
CA ARG D 261 -27.64 -10.92 -7.18
C ARG D 261 -28.71 -10.15 -6.37
N PHE D 262 -28.73 -8.82 -6.57
CA PHE D 262 -29.57 -7.93 -5.85
C PHE D 262 -31.02 -8.46 -5.78
N ASP D 263 -31.60 -8.84 -6.92
CA ASP D 263 -33.03 -9.16 -6.99
C ASP D 263 -33.27 -10.67 -7.12
N ASP D 264 -32.27 -11.49 -6.84
CA ASP D 264 -32.43 -12.93 -6.89
C ASP D 264 -33.33 -13.39 -5.73
N LYS D 265 -34.21 -14.34 -6.05
CA LYS D 265 -34.93 -15.15 -5.07
C LYS D 265 -33.98 -16.20 -4.55
N PRO D 266 -33.58 -16.16 -3.25
CA PRO D 266 -32.65 -17.14 -2.71
C PRO D 266 -33.27 -18.53 -2.79
N ASP D 267 -32.43 -19.54 -3.03
CA ASP D 267 -32.89 -20.91 -2.99
C ASP D 267 -32.90 -21.39 -1.51
N TYR D 268 -33.93 -20.96 -0.74
CA TYR D 268 -34.03 -21.28 0.74
C TYR D 268 -33.86 -22.79 0.92
N SER D 269 -34.56 -23.52 0.06
CA SER D 269 -34.63 -24.94 0.11
C SER D 269 -33.22 -25.54 0.04
N TYR D 270 -32.43 -25.04 -0.92
CA TYR D 270 -31.09 -25.51 -1.09
C TYR D 270 -30.31 -25.29 0.22
N LEU D 271 -30.53 -24.14 0.87
CA LEU D 271 -29.69 -23.74 2.04
C LEU D 271 -30.06 -24.62 3.24
N ARG D 272 -31.37 -24.89 3.46
CA ARG D 272 -31.82 -25.79 4.54
C ARG D 272 -31.30 -27.21 4.31
N GLN D 273 -31.36 -27.66 3.04
CA GLN D 273 -30.96 -29.03 2.67
C GLN D 273 -29.46 -29.21 2.98
N LEU D 274 -28.69 -28.15 2.76
CA LEU D 274 -27.29 -28.15 3.04
C LEU D 274 -27.07 -28.56 4.51
N PHE D 275 -27.73 -27.85 5.43
CA PHE D 275 -27.53 -28.07 6.86
C PHE D 275 -28.20 -29.38 7.28
N ARG D 276 -29.25 -29.78 6.58
CA ARG D 276 -30.00 -31.03 6.85
C ARG D 276 -29.12 -32.25 6.52
N ASN D 277 -28.42 -32.21 5.38
CA ASN D 277 -27.59 -33.33 4.99
C ASN D 277 -26.48 -33.52 6.02
N LEU D 278 -25.86 -32.41 6.42
CA LEU D 278 -24.81 -32.41 7.45
C LEU D 278 -25.36 -32.96 8.79
N PHE D 279 -26.56 -32.50 9.15
CA PHE D 279 -27.30 -32.96 10.33
C PHE D 279 -27.33 -34.49 10.37
N HIS D 280 -27.73 -35.09 9.23
CA HIS D 280 -27.93 -36.54 9.11
C HIS D 280 -26.59 -37.29 9.14
N ARG D 281 -25.57 -36.72 8.47
CA ARG D 281 -24.21 -37.28 8.41
C ARG D 281 -23.58 -37.34 9.82
N GLN D 282 -23.98 -36.41 10.69
CA GLN D 282 -23.51 -36.34 12.05
C GLN D 282 -24.32 -37.28 12.95
N GLY D 283 -25.39 -37.88 12.41
CA GLY D 283 -26.21 -38.81 13.14
C GLY D 283 -27.06 -38.14 14.24
N PHE D 284 -27.36 -36.85 14.06
CA PHE D 284 -28.22 -36.12 14.99
C PHE D 284 -29.69 -36.45 14.72
N SER D 285 -30.56 -36.27 15.74
CA SER D 285 -32.00 -36.49 15.60
C SER D 285 -32.78 -35.20 15.82
N TYR D 286 -33.79 -34.95 14.97
CA TYR D 286 -34.64 -33.80 15.06
C TYR D 286 -35.60 -33.99 16.25
N ASP D 287 -35.02 -34.09 17.44
CA ASP D 287 -35.70 -33.93 18.73
C ASP D 287 -35.19 -32.60 19.25
N TYR D 288 -36.08 -31.64 19.40
CA TYR D 288 -35.69 -30.26 19.58
C TYR D 288 -35.05 -30.09 20.98
N VAL D 289 -34.03 -30.89 21.25
CA VAL D 289 -33.30 -30.85 22.49
C VAL D 289 -32.07 -29.99 22.24
N PHE D 290 -32.19 -28.72 22.65
CA PHE D 290 -31.12 -27.73 22.50
C PHE D 290 -30.21 -27.84 23.72
N ASP D 291 -28.97 -27.32 23.62
CA ASP D 291 -27.99 -27.41 24.70
C ASP D 291 -28.59 -26.94 26.03
N TRP D 292 -29.49 -25.93 26.00
CA TRP D 292 -29.99 -25.35 27.23
C TRP D 292 -31.08 -26.25 27.85
N ASN D 293 -31.64 -27.20 27.08
CA ASN D 293 -32.63 -28.13 27.57
C ASN D 293 -31.96 -29.24 28.42
N MET D 294 -30.62 -29.28 28.48
CA MET D 294 -30.00 -30.35 29.25
C MET D 294 -29.29 -29.81 30.50
N LEU D 295 -29.57 -28.57 30.86
CA LEU D 295 -29.16 -28.00 32.14
C LEU D 295 -30.03 -28.59 33.28
N LYS D 296 -29.44 -29.52 34.04
CA LYS D 296 -30.13 -30.28 35.13
C LYS D 296 -30.21 -29.41 36.40
#